data_2G1S
#
_entry.id   2G1S
#
_cell.length_a   141.838
_cell.length_b   141.838
_cell.length_c   141.838
_cell.angle_alpha   90.00
_cell.angle_beta   90.00
_cell.angle_gamma   90.00
#
_symmetry.space_group_name_H-M   'P 21 3'
#
loop_
_entity.id
_entity.type
_entity.pdbx_description
1 polymer Renin
2 non-polymer 2-acetamido-2-deoxy-beta-D-glucopyranose
3 non-polymer (2S)-6-(2,4-DIAMINO-6-ETHYLPYRIMIDIN-5-YL)-2-(3,5-DIFLUOROPHENYL)-4-(3-METHOXYPROPYL)-2H-1,4-BENZOXAZIN-3(4H)-ONE
4 water water
#
_entity_poly.entity_id   1
_entity_poly.type   'polypeptide(L)'
_entity_poly.pdbx_seq_one_letter_code
;SSVILTNYMDTQYYGEIGIGTPPQTFKVVFDTGSSNVWVPSSKCSRLYTACVYHKLFDASDSSSYKHNGTELTLRYSTGT
VSGFLSQDIITVGGITVTQMFGEVTEMPALPFMLAEFDGVVGMGFIEQAIGRVTPIFDNIISQGVLKEDVFSFYYNRDSE
NSQSLGGQIVLGGSDPQHYEGNFHYINLIKTGVWQIQMKGVSVGSSTLLCEDGCLALVDTGASYISGSTSSIEKLMEALG
AKKRLFDYVVKCNEGPTLPDISFHLGGKEYTLTSADYVFQESYSSKKLCTLAIHAMDIPPPTGPTWALGATFIRKFYTEF
DRRNNRIGFALAR
;
_entity_poly.pdbx_strand_id   A,B
#
loop_
_chem_comp.id
_chem_comp.type
_chem_comp.name
_chem_comp.formula
4IG non-polymer (2S)-6-(2,4-DIAMINO-6-ETHYLPYRIMIDIN-5-YL)-2-(3,5-DIFLUOROPHENYL)-4-(3-METHOXYPROPYL)-2H-1,4-BENZOXAZIN-3(4H)-ONE 'C24 H25 F2 N5 O3'
NAG D-saccharide, beta linking 2-acetamido-2-deoxy-beta-D-glucopyranose 'C8 H15 N O6'
#
# COMPACT_ATOMS: atom_id res chain seq x y z
N SER A 1 -20.79 -26.07 -19.85
CA SER A 1 -19.88 -24.94 -20.02
C SER A 1 -19.59 -24.29 -18.68
N SER A 2 -18.36 -23.83 -18.52
CA SER A 2 -17.97 -23.17 -17.30
C SER A 2 -17.40 -21.80 -17.64
N VAL A 3 -17.56 -20.86 -16.72
CA VAL A 3 -17.05 -19.51 -16.91
C VAL A 3 -16.18 -19.20 -15.71
N ILE A 4 -14.99 -18.67 -15.94
CA ILE A 4 -14.10 -18.31 -14.83
C ILE A 4 -14.64 -17.03 -14.19
N LEU A 5 -14.67 -16.96 -12.88
CA LEU A 5 -15.17 -15.75 -12.22
C LEU A 5 -14.03 -15.07 -11.48
N THR A 6 -14.08 -13.76 -11.43
CA THR A 6 -13.09 -12.97 -10.72
C THR A 6 -13.68 -12.61 -9.36
N ASN A 7 -12.87 -12.76 -8.32
CA ASN A 7 -13.31 -12.45 -6.97
C ASN A 7 -12.69 -11.13 -6.54
N TYR A 8 -13.54 -10.16 -6.25
CA TYR A 8 -13.10 -8.86 -5.83
C TYR A 8 -13.45 -8.65 -4.35
N MET A 9 -12.41 -8.62 -3.52
CA MET A 9 -12.54 -8.41 -2.08
C MET A 9 -13.61 -9.25 -1.39
N ASP A 10 -13.89 -10.43 -1.93
CA ASP A 10 -14.90 -11.30 -1.32
C ASP A 10 -16.32 -10.76 -1.34
N THR A 11 -16.57 -9.64 -2.02
CA THR A 11 -17.92 -9.12 -2.03
C THR A 11 -18.51 -9.07 -3.44
N GLN A 12 -17.65 -9.18 -4.45
CA GLN A 12 -18.10 -9.14 -5.83
C GLN A 12 -17.50 -10.28 -6.65
N TYR A 13 -18.37 -11.07 -7.28
CA TYR A 13 -17.94 -12.18 -8.13
C TYR A 13 -18.57 -11.98 -9.51
N TYR A 14 -17.74 -11.94 -10.54
CA TYR A 14 -18.24 -11.73 -11.88
C TYR A 14 -17.42 -12.42 -12.97
N GLY A 15 -18.08 -12.70 -14.10
CA GLY A 15 -17.45 -13.34 -15.23
C GLY A 15 -17.71 -12.55 -16.51
N GLU A 16 -17.13 -12.98 -17.62
CA GLU A 16 -17.32 -12.28 -18.88
C GLU A 16 -18.41 -12.85 -19.77
N ILE A 17 -19.03 -11.97 -20.56
CA ILE A 17 -20.05 -12.40 -21.52
C ILE A 17 -19.90 -11.48 -22.73
N GLY A 18 -20.17 -12.04 -23.90
CA GLY A 18 -20.06 -11.25 -25.12
C GLY A 18 -21.43 -10.91 -25.66
N ILE A 19 -21.61 -9.67 -26.07
CA ILE A 19 -22.88 -9.25 -26.61
C ILE A 19 -22.68 -8.56 -27.95
N GLY A 20 -23.42 -9.01 -28.97
CA GLY A 20 -23.30 -8.39 -30.28
C GLY A 20 -22.33 -9.01 -31.26
N THR A 21 -22.26 -8.42 -32.43
CA THR A 21 -21.40 -8.86 -33.51
C THR A 21 -20.81 -7.62 -34.15
N PRO A 22 -19.49 -7.38 -33.97
CA PRO A 22 -18.56 -8.23 -33.22
C PRO A 22 -18.93 -8.19 -31.74
N PRO A 23 -18.36 -9.10 -30.94
CA PRO A 23 -18.64 -9.17 -29.51
C PRO A 23 -18.13 -7.96 -28.72
N GLN A 24 -19.00 -7.40 -27.89
CA GLN A 24 -18.64 -6.29 -27.01
C GLN A 24 -18.62 -7.00 -25.67
N THR A 25 -17.50 -6.92 -24.95
CA THR A 25 -17.38 -7.63 -23.67
C THR A 25 -17.84 -6.88 -22.43
N PHE A 26 -18.39 -7.62 -21.48
CA PHE A 26 -18.88 -7.03 -20.25
C PHE A 26 -18.62 -7.94 -19.07
N LYS A 27 -18.36 -7.32 -17.92
CA LYS A 27 -18.17 -8.06 -16.70
C LYS A 27 -19.56 -8.07 -16.09
N VAL A 28 -20.06 -9.25 -15.73
CA VAL A 28 -21.39 -9.34 -15.13
C VAL A 28 -21.45 -10.35 -13.99
N VAL A 29 -22.31 -10.07 -13.01
CA VAL A 29 -22.51 -10.96 -11.87
C VAL A 29 -23.62 -11.93 -12.24
N PHE A 30 -23.41 -13.22 -11.98
CA PHE A 30 -24.44 -14.21 -12.27
C PHE A 30 -25.25 -14.30 -11.00
N ASP A 31 -26.46 -13.74 -11.10
CA ASP A 31 -27.40 -13.56 -10.00
C ASP A 31 -28.64 -14.45 -9.89
N THR A 32 -28.60 -15.45 -9.01
CA THR A 32 -29.76 -16.33 -8.80
C THR A 32 -30.89 -15.54 -8.15
N GLY A 33 -30.56 -14.33 -7.67
CA GLY A 33 -31.56 -13.49 -7.02
C GLY A 33 -32.38 -12.59 -7.94
N SER A 34 -32.10 -12.60 -9.24
CA SER A 34 -32.85 -11.78 -10.19
C SER A 34 -33.08 -12.62 -11.47
N SER A 35 -33.84 -12.10 -12.42
CA SER A 35 -34.13 -12.86 -13.63
C SER A 35 -33.88 -12.15 -14.96
N ASN A 36 -33.40 -10.91 -14.90
CA ASN A 36 -33.15 -10.16 -16.12
C ASN A 36 -31.66 -10.04 -16.42
N VAL A 37 -31.36 -9.66 -17.65
CA VAL A 37 -29.98 -9.45 -18.07
C VAL A 37 -29.88 -8.00 -18.46
N TRP A 38 -28.84 -7.32 -18.00
CA TRP A 38 -28.65 -5.93 -18.39
C TRP A 38 -27.19 -5.55 -18.28
N VAL A 39 -26.81 -4.60 -19.12
CA VAL A 39 -25.45 -4.07 -19.13
C VAL A 39 -25.64 -2.57 -19.38
N PRO A 40 -24.64 -1.75 -19.05
CA PRO A 40 -24.73 -0.30 -19.26
C PRO A 40 -24.89 0.01 -20.76
N SER A 41 -25.65 1.07 -21.07
CA SER A 41 -25.91 1.45 -22.45
C SER A 41 -25.15 2.68 -22.95
N SER A 42 -24.74 2.65 -24.21
CA SER A 42 -24.03 3.77 -24.82
C SER A 42 -24.96 4.99 -24.81
N LYS A 43 -26.24 4.75 -24.60
CA LYS A 43 -27.23 5.84 -24.57
C LYS A 43 -27.32 6.41 -23.16
N CYS A 44 -26.54 5.87 -22.23
CA CYS A 44 -26.57 6.37 -20.86
C CYS A 44 -25.84 7.70 -20.77
N SER A 45 -26.56 8.74 -20.38
CA SER A 45 -25.99 10.07 -20.23
C SER A 45 -24.74 10.02 -19.37
N ARG A 46 -23.66 10.66 -19.83
CA ARG A 46 -22.42 10.66 -19.08
C ARG A 46 -22.56 11.49 -17.81
N LEU A 47 -23.75 12.06 -17.60
CA LEU A 47 -24.01 12.82 -16.38
C LEU A 47 -24.04 11.79 -15.25
N TYR A 48 -24.33 10.53 -15.60
CA TYR A 48 -24.32 9.43 -14.63
C TYR A 48 -22.87 8.95 -14.63
N THR A 49 -22.11 9.39 -13.64
CA THR A 49 -20.69 9.03 -13.58
C THR A 49 -20.44 7.53 -13.68
N ALA A 50 -21.34 6.71 -13.13
CA ALA A 50 -21.18 5.27 -13.20
C ALA A 50 -21.04 4.81 -14.67
N CYS A 51 -21.69 5.53 -15.57
CA CYS A 51 -21.62 5.19 -16.98
C CYS A 51 -20.29 5.56 -17.60
N VAL A 52 -19.63 6.56 -17.01
CA VAL A 52 -18.33 6.99 -17.49
C VAL A 52 -17.29 5.96 -17.07
N TYR A 53 -17.60 5.21 -16.01
CA TYR A 53 -16.67 4.20 -15.49
C TYR A 53 -16.95 2.74 -15.83
N HIS A 54 -17.86 2.48 -16.76
CA HIS A 54 -18.12 1.09 -17.13
C HIS A 54 -18.20 0.89 -18.64
N LYS A 55 -18.04 -0.35 -19.08
CA LYS A 55 -18.14 -0.69 -20.48
C LYS A 55 -19.58 -0.40 -20.91
N LEU A 56 -19.74 0.22 -22.06
CA LEU A 56 -21.09 0.56 -22.54
C LEU A 56 -21.44 -0.18 -23.81
N PHE A 57 -22.61 -0.80 -23.82
CA PHE A 57 -23.05 -1.51 -25.01
C PHE A 57 -23.53 -0.50 -26.03
N ASP A 58 -23.03 -0.60 -27.26
CA ASP A 58 -23.44 0.30 -28.32
C ASP A 58 -24.08 -0.51 -29.44
N ALA A 59 -25.38 -0.32 -29.63
CA ALA A 59 -26.13 -1.03 -30.64
C ALA A 59 -25.65 -0.74 -32.07
N SER A 60 -25.33 0.51 -32.34
CA SER A 60 -24.89 0.91 -33.68
C SER A 60 -23.63 0.20 -34.17
N ASP A 61 -22.99 -0.59 -33.30
CA ASP A 61 -21.77 -1.31 -33.66
C ASP A 61 -22.01 -2.80 -33.79
N SER A 62 -23.24 -3.23 -33.55
CA SER A 62 -23.57 -4.65 -33.65
C SER A 62 -24.49 -4.92 -34.83
N SER A 63 -24.05 -5.80 -35.72
CA SER A 63 -24.83 -6.13 -36.90
C SER A 63 -25.88 -7.20 -36.62
N SER A 64 -25.94 -7.67 -35.38
CA SER A 64 -26.89 -8.69 -34.99
C SER A 64 -27.97 -8.14 -34.05
N TYR A 65 -27.86 -6.87 -33.71
CA TYR A 65 -28.79 -6.21 -32.81
C TYR A 65 -30.23 -6.17 -33.34
N LYS A 66 -31.19 -6.29 -32.43
CA LYS A 66 -32.62 -6.23 -32.79
C LYS A 66 -33.29 -5.24 -31.84
N HIS A 67 -33.79 -4.14 -32.38
CA HIS A 67 -34.46 -3.13 -31.56
C HIS A 67 -35.76 -3.61 -30.94
N ASN A 68 -36.11 -3.02 -29.79
CA ASN A 68 -37.37 -3.32 -29.12
C ASN A 68 -37.78 -2.05 -28.40
N GLY A 69 -36.93 -1.58 -27.50
CA GLY A 69 -37.20 -0.33 -26.81
C GLY A 69 -38.15 -0.27 -25.63
N THR A 70 -38.72 -1.40 -25.21
CA THR A 70 -39.62 -1.37 -24.06
C THR A 70 -38.85 -0.96 -22.81
N GLU A 71 -39.40 -0.01 -22.07
CA GLU A 71 -38.72 0.45 -20.87
C GLU A 71 -38.90 -0.49 -19.69
N LEU A 72 -37.83 -0.65 -18.91
CA LEU A 72 -37.89 -1.51 -17.73
C LEU A 72 -37.06 -0.88 -16.62
N THR A 73 -37.44 -1.23 -15.40
CA THR A 73 -36.76 -0.73 -14.21
C THR A 73 -36.45 -1.96 -13.37
N LEU A 74 -35.20 -2.08 -12.94
CA LEU A 74 -34.77 -3.21 -12.13
C LEU A 74 -34.46 -2.74 -10.71
N ARG A 75 -35.15 -3.34 -9.75
CA ARG A 75 -34.96 -2.98 -8.34
C ARG A 75 -34.31 -4.07 -7.51
N TYR A 76 -33.08 -3.82 -7.09
CA TYR A 76 -32.36 -4.76 -6.26
C TYR A 76 -32.44 -4.21 -4.84
N SER A 77 -32.08 -5.04 -3.87
CA SER A 77 -32.14 -4.63 -2.49
C SER A 77 -31.20 -3.45 -2.18
N THR A 78 -30.18 -3.25 -2.99
CA THR A 78 -29.24 -2.18 -2.69
C THR A 78 -29.09 -1.11 -3.77
N GLY A 79 -29.97 -1.13 -4.77
CA GLY A 79 -29.89 -0.14 -5.83
C GLY A 79 -30.82 -0.45 -6.99
N THR A 80 -31.06 0.56 -7.81
CA THR A 80 -31.95 0.44 -8.94
C THR A 80 -31.28 0.86 -10.24
N VAL A 81 -31.77 0.35 -11.35
CA VAL A 81 -31.25 0.69 -12.68
C VAL A 81 -32.44 0.71 -13.63
N SER A 82 -32.41 1.64 -14.57
CA SER A 82 -33.52 1.77 -15.50
C SER A 82 -33.00 1.82 -16.93
N GLY A 83 -33.86 1.46 -17.87
CA GLY A 83 -33.50 1.46 -19.28
C GLY A 83 -34.55 0.92 -20.22
N PHE A 84 -34.10 0.32 -21.32
CA PHE A 84 -35.02 -0.22 -22.29
C PHE A 84 -34.51 -1.57 -22.78
N LEU A 85 -35.39 -2.35 -23.39
CA LEU A 85 -35.03 -3.66 -23.90
C LEU A 85 -34.39 -3.64 -25.30
N SER A 86 -33.53 -4.63 -25.54
CA SER A 86 -32.83 -4.79 -26.81
C SER A 86 -32.52 -6.27 -26.92
N GLN A 87 -32.32 -6.74 -28.15
CA GLN A 87 -32.02 -8.14 -28.39
C GLN A 87 -30.74 -8.25 -29.18
N ASP A 88 -29.95 -9.28 -28.89
CA ASP A 88 -28.70 -9.49 -29.62
C ASP A 88 -28.17 -10.85 -29.19
N ILE A 89 -27.08 -11.29 -29.81
CA ILE A 89 -26.54 -12.59 -29.44
C ILE A 89 -25.61 -12.43 -28.24
N ILE A 90 -25.74 -13.34 -27.29
CA ILE A 90 -24.89 -13.30 -26.11
C ILE A 90 -24.05 -14.55 -26.00
N THR A 91 -22.78 -14.34 -25.67
CA THR A 91 -21.83 -15.40 -25.52
C THR A 91 -21.63 -15.65 -24.04
N VAL A 92 -21.80 -16.89 -23.62
CA VAL A 92 -21.60 -17.25 -22.22
C VAL A 92 -20.81 -18.54 -22.22
N GLY A 93 -19.53 -18.43 -21.87
CA GLY A 93 -18.67 -19.61 -21.84
C GLY A 93 -18.91 -20.64 -22.93
N GLY A 94 -18.76 -20.27 -24.19
CA GLY A 94 -18.93 -21.25 -25.24
C GLY A 94 -20.34 -21.55 -25.74
N ILE A 95 -21.34 -20.91 -25.15
CA ILE A 95 -22.72 -21.11 -25.59
C ILE A 95 -23.22 -19.78 -26.13
N THR A 96 -23.89 -19.83 -27.29
CA THR A 96 -24.41 -18.62 -27.91
C THR A 96 -25.93 -18.66 -27.88
N VAL A 97 -26.56 -17.56 -27.47
CA VAL A 97 -28.01 -17.50 -27.41
C VAL A 97 -28.53 -16.13 -27.73
N THR A 98 -29.61 -16.06 -28.48
CA THR A 98 -30.22 -14.77 -28.80
C THR A 98 -30.96 -14.44 -27.51
N GLN A 99 -30.64 -13.28 -26.94
CA GLN A 99 -31.27 -12.90 -25.69
C GLN A 99 -31.77 -11.47 -25.65
N MET A 100 -32.88 -11.27 -24.96
CA MET A 100 -33.44 -9.95 -24.79
C MET A 100 -32.87 -9.49 -23.47
N PHE A 101 -32.25 -8.32 -23.47
CA PHE A 101 -31.65 -7.78 -22.26
C PHE A 101 -31.93 -6.30 -22.17
N GLY A 102 -31.66 -5.72 -21.02
CA GLY A 102 -31.90 -4.30 -20.87
C GLY A 102 -30.63 -3.48 -21.07
N GLU A 103 -30.75 -2.38 -21.79
CA GLU A 103 -29.63 -1.47 -21.98
C GLU A 103 -29.93 -0.40 -20.93
N VAL A 104 -29.12 -0.32 -19.89
CA VAL A 104 -29.38 0.67 -18.85
C VAL A 104 -28.94 2.10 -19.23
N THR A 105 -29.82 3.08 -18.97
CA THR A 105 -29.50 4.48 -19.25
C THR A 105 -29.53 5.31 -17.99
N GLU A 106 -29.83 4.67 -16.86
CA GLU A 106 -29.88 5.36 -15.57
C GLU A 106 -29.23 4.42 -14.58
N MET A 107 -28.03 4.81 -14.17
CA MET A 107 -27.21 4.00 -13.28
C MET A 107 -26.61 4.86 -12.16
N PRO A 108 -27.26 4.88 -10.99
CA PRO A 108 -26.79 5.67 -9.84
C PRO A 108 -25.36 5.43 -9.34
N ALA A 109 -24.66 6.55 -9.13
CA ALA A 109 -23.28 6.54 -8.63
C ALA A 109 -23.20 5.62 -7.42
N LEU A 110 -24.16 5.78 -6.53
CA LEU A 110 -24.24 4.96 -5.33
C LEU A 110 -25.37 3.98 -5.64
N PRO A 111 -25.08 2.67 -5.69
CA PRO A 111 -23.79 2.02 -5.44
C PRO A 111 -22.94 1.66 -6.66
N PHE A 112 -23.42 1.91 -7.87
CA PHE A 112 -22.67 1.46 -9.02
C PHE A 112 -21.27 1.95 -9.28
N MET A 113 -20.88 3.09 -8.70
CA MET A 113 -19.50 3.55 -8.87
C MET A 113 -18.62 2.58 -8.09
N LEU A 114 -19.22 1.85 -7.15
CA LEU A 114 -18.48 0.88 -6.34
C LEU A 114 -18.56 -0.51 -6.94
N ALA A 115 -19.20 -0.63 -8.10
CA ALA A 115 -19.32 -1.92 -8.77
C ALA A 115 -18.12 -2.18 -9.67
N GLU A 116 -17.48 -3.33 -9.47
CA GLU A 116 -16.35 -3.68 -10.30
C GLU A 116 -16.93 -4.21 -11.62
N PHE A 117 -18.10 -4.81 -11.52
CA PHE A 117 -18.78 -5.36 -12.68
C PHE A 117 -19.54 -4.28 -13.46
N ASP A 118 -19.95 -4.63 -14.68
CA ASP A 118 -20.69 -3.72 -15.53
C ASP A 118 -22.20 -3.98 -15.42
N GLY A 119 -22.60 -5.23 -15.57
CA GLY A 119 -24.02 -5.56 -15.50
C GLY A 119 -24.38 -6.82 -14.74
N VAL A 120 -25.57 -7.34 -15.00
CA VAL A 120 -26.07 -8.52 -14.33
C VAL A 120 -26.72 -9.56 -15.25
N VAL A 121 -26.49 -10.83 -14.97
CA VAL A 121 -27.12 -11.90 -15.74
C VAL A 121 -27.99 -12.67 -14.73
N GLY A 122 -29.29 -12.42 -14.79
CA GLY A 122 -30.20 -13.09 -13.88
C GLY A 122 -30.34 -14.59 -14.14
N MET A 123 -30.18 -15.39 -13.09
CA MET A 123 -30.30 -16.83 -13.21
C MET A 123 -31.61 -17.29 -12.57
N GLY A 124 -32.45 -16.33 -12.19
CA GLY A 124 -33.73 -16.62 -11.57
C GLY A 124 -34.78 -17.13 -12.54
N PHE A 125 -35.94 -17.49 -12.01
CA PHE A 125 -37.03 -18.00 -12.83
C PHE A 125 -37.77 -16.88 -13.57
N ILE A 126 -38.38 -17.22 -14.68
CA ILE A 126 -39.13 -16.24 -15.46
C ILE A 126 -40.25 -15.62 -14.65
N GLU A 127 -40.81 -16.38 -13.72
CA GLU A 127 -41.89 -15.86 -12.88
C GLU A 127 -41.51 -14.53 -12.23
N GLN A 128 -40.21 -14.30 -12.05
CA GLN A 128 -39.71 -13.08 -11.42
C GLN A 128 -39.13 -12.09 -12.43
N ALA A 129 -39.17 -12.45 -13.70
CA ALA A 129 -38.64 -11.59 -14.75
C ALA A 129 -39.48 -10.32 -14.90
N ILE A 130 -38.80 -9.18 -14.95
CA ILE A 130 -39.48 -7.92 -15.12
C ILE A 130 -39.72 -7.75 -16.61
N GLY A 131 -40.92 -7.31 -16.97
CA GLY A 131 -41.24 -7.14 -18.38
C GLY A 131 -41.50 -8.50 -19.00
N ARG A 132 -41.58 -9.52 -18.14
CA ARG A 132 -41.82 -10.90 -18.55
C ARG A 132 -40.86 -11.34 -19.66
N VAL A 133 -39.62 -10.89 -19.58
CA VAL A 133 -38.61 -11.27 -20.58
C VAL A 133 -38.11 -12.69 -20.28
N THR A 134 -37.91 -13.50 -21.31
CA THR A 134 -37.42 -14.85 -21.10
C THR A 134 -35.99 -14.84 -20.56
N PRO A 135 -35.76 -15.49 -19.40
CA PRO A 135 -34.45 -15.56 -18.76
C PRO A 135 -33.42 -16.30 -19.61
N ILE A 136 -32.16 -15.87 -19.52
CA ILE A 136 -31.12 -16.48 -20.32
C ILE A 136 -30.99 -17.98 -20.15
N PHE A 137 -31.11 -18.49 -18.93
CA PHE A 137 -30.96 -19.92 -18.76
C PHE A 137 -32.05 -20.69 -19.47
N ASP A 138 -33.26 -20.14 -19.51
CA ASP A 138 -34.35 -20.82 -20.19
C ASP A 138 -34.00 -20.92 -21.67
N ASN A 139 -33.53 -19.82 -22.24
CA ASN A 139 -33.15 -19.81 -23.65
C ASN A 139 -32.06 -20.83 -23.93
N ILE A 140 -31.13 -21.00 -22.98
CA ILE A 140 -30.06 -21.96 -23.19
C ILE A 140 -30.66 -23.37 -23.14
N ILE A 141 -31.54 -23.60 -22.17
CA ILE A 141 -32.20 -24.89 -22.03
C ILE A 141 -32.96 -25.24 -23.31
N SER A 142 -33.54 -24.22 -23.95
CA SER A 142 -34.30 -24.42 -25.17
C SER A 142 -33.45 -25.00 -26.30
N GLN A 143 -32.14 -24.80 -26.23
CA GLN A 143 -31.26 -25.32 -27.27
C GLN A 143 -31.10 -26.83 -27.13
N GLY A 144 -31.44 -27.36 -25.97
CA GLY A 144 -31.31 -28.78 -25.74
C GLY A 144 -29.90 -29.33 -25.89
N VAL A 145 -28.90 -28.54 -25.49
CA VAL A 145 -27.51 -28.97 -25.59
C VAL A 145 -26.88 -29.25 -24.23
N LEU A 146 -27.45 -28.66 -23.18
CA LEU A 146 -26.93 -28.86 -21.83
C LEU A 146 -27.15 -30.30 -21.37
N LYS A 147 -26.10 -30.92 -20.84
CA LYS A 147 -26.19 -32.30 -20.37
C LYS A 147 -27.24 -32.46 -19.28
N GLU A 148 -27.37 -31.43 -18.45
CA GLU A 148 -28.35 -31.43 -17.39
C GLU A 148 -28.98 -30.06 -17.25
N ASP A 149 -30.22 -30.05 -16.80
CA ASP A 149 -30.95 -28.82 -16.62
C ASP A 149 -30.58 -28.20 -15.27
N VAL A 150 -29.29 -27.93 -15.06
CA VAL A 150 -28.83 -27.33 -13.80
C VAL A 150 -27.59 -26.46 -14.01
N PHE A 151 -27.27 -25.64 -13.00
CA PHE A 151 -26.08 -24.81 -13.03
C PHE A 151 -25.50 -24.73 -11.62
N SER A 152 -24.17 -24.70 -11.52
CA SER A 152 -23.49 -24.68 -10.22
C SER A 152 -22.64 -23.45 -9.96
N PHE A 153 -22.46 -23.14 -8.68
CA PHE A 153 -21.65 -22.00 -8.28
C PHE A 153 -20.55 -22.37 -7.31
N TYR A 154 -19.37 -21.81 -7.57
CA TYR A 154 -18.21 -22.00 -6.71
C TYR A 154 -17.65 -20.60 -6.51
N TYR A 155 -17.61 -20.14 -5.26
CA TYR A 155 -17.05 -18.84 -4.93
C TYR A 155 -15.85 -19.09 -4.01
N ASN A 156 -14.65 -18.90 -4.54
CA ASN A 156 -13.43 -19.11 -3.78
C ASN A 156 -13.27 -17.98 -2.75
N ARG A 157 -12.30 -18.17 -1.86
CA ARG A 157 -12.00 -17.16 -0.85
C ARG A 157 -11.08 -16.17 -1.56
N ASP A 158 -11.02 -14.96 -1.03
CA ASP A 158 -10.18 -13.92 -1.61
C ASP A 158 -8.72 -14.36 -1.69
N SER A 159 -7.98 -13.79 -2.62
CA SER A 159 -6.57 -14.14 -2.77
C SER A 159 -5.77 -12.91 -3.19
N GLU A 160 -4.62 -12.72 -2.54
CA GLU A 160 -3.76 -11.58 -2.82
C GLU A 160 -2.78 -11.84 -3.96
N ASN A 161 -3.16 -12.75 -4.86
CA ASN A 161 -2.31 -13.09 -6.01
C ASN A 161 -3.14 -13.50 -7.23
N SER A 162 -2.73 -13.03 -8.39
CA SER A 162 -3.44 -13.33 -9.63
C SER A 162 -3.16 -14.73 -10.15
N GLN A 163 -3.53 -15.74 -9.36
CA GLN A 163 -3.30 -17.13 -9.75
C GLN A 163 -4.47 -18.06 -9.42
N SER A 164 -5.11 -17.82 -8.27
CA SER A 164 -6.24 -18.64 -7.86
C SER A 164 -7.51 -18.12 -8.53
N LEU A 165 -8.37 -19.01 -9.01
CA LEU A 165 -9.59 -18.57 -9.66
C LEU A 165 -10.55 -18.03 -8.62
N GLY A 166 -11.07 -16.83 -8.87
CA GLY A 166 -12.00 -16.20 -7.94
C GLY A 166 -13.25 -17.03 -7.73
N GLY A 167 -13.66 -17.73 -8.77
CA GLY A 167 -14.85 -18.56 -8.69
C GLY A 167 -15.15 -19.19 -10.03
N GLN A 168 -16.15 -20.06 -10.04
CA GLN A 168 -16.52 -20.75 -11.26
C GLN A 168 -17.98 -21.15 -11.28
N ILE A 169 -18.65 -20.85 -12.38
CA ILE A 169 -20.05 -21.20 -12.55
C ILE A 169 -20.12 -22.21 -13.69
N VAL A 170 -20.79 -23.33 -13.43
CA VAL A 170 -20.94 -24.37 -14.43
C VAL A 170 -22.37 -24.44 -14.95
N LEU A 171 -22.48 -24.36 -16.27
CA LEU A 171 -23.77 -24.44 -16.95
C LEU A 171 -23.93 -25.89 -17.42
N GLY A 172 -24.96 -26.56 -16.91
CA GLY A 172 -25.20 -27.95 -17.30
C GLY A 172 -24.68 -29.03 -16.35
N GLY A 173 -24.08 -28.62 -15.23
CA GLY A 173 -23.57 -29.60 -14.29
C GLY A 173 -22.88 -29.02 -13.07
N SER A 174 -21.98 -29.79 -12.46
CA SER A 174 -21.24 -29.36 -11.29
C SER A 174 -19.80 -29.84 -11.44
N ASP A 175 -18.83 -29.08 -10.96
CA ASP A 175 -17.43 -29.46 -11.07
C ASP A 175 -16.93 -30.12 -9.79
N PRO A 176 -16.71 -31.45 -9.84
CA PRO A 176 -16.23 -32.30 -8.74
C PRO A 176 -14.91 -31.78 -8.17
N GLN A 177 -14.20 -31.03 -8.99
CA GLN A 177 -12.93 -30.46 -8.59
C GLN A 177 -13.07 -29.45 -7.45
N HIS A 178 -14.27 -28.90 -7.27
CA HIS A 178 -14.48 -27.89 -6.24
C HIS A 178 -15.46 -28.20 -5.10
N TYR A 179 -15.66 -29.47 -4.81
CA TYR A 179 -16.54 -29.87 -3.72
C TYR A 179 -16.24 -31.31 -3.36
N GLU A 180 -16.42 -31.65 -2.09
CA GLU A 180 -16.19 -33.00 -1.62
C GLU A 180 -17.40 -33.46 -0.85
N GLY A 181 -17.48 -34.76 -0.61
CA GLY A 181 -18.63 -35.30 0.09
C GLY A 181 -19.74 -35.42 -0.92
N ASN A 182 -20.96 -35.60 -0.45
CA ASN A 182 -22.07 -35.71 -1.38
C ASN A 182 -22.96 -34.49 -1.29
N PHE A 183 -23.69 -34.24 -2.36
CA PHE A 183 -24.62 -33.12 -2.39
C PHE A 183 -25.79 -33.52 -1.50
N HIS A 184 -26.35 -32.54 -0.81
CA HIS A 184 -27.51 -32.80 0.01
C HIS A 184 -28.51 -31.82 -0.56
N TYR A 185 -29.64 -32.34 -1.01
CA TYR A 185 -30.63 -31.49 -1.63
C TYR A 185 -31.76 -31.06 -0.74
N ILE A 186 -32.36 -29.94 -1.11
CA ILE A 186 -33.48 -29.38 -0.38
C ILE A 186 -34.43 -28.89 -1.46
N ASN A 187 -35.70 -29.29 -1.37
CA ASN A 187 -36.68 -28.89 -2.37
C ASN A 187 -37.02 -27.42 -2.23
N LEU A 188 -37.38 -26.81 -3.34
CA LEU A 188 -37.76 -25.41 -3.33
C LEU A 188 -39.13 -25.34 -2.69
N ILE A 189 -39.46 -24.21 -2.10
CA ILE A 189 -40.78 -24.06 -1.50
C ILE A 189 -41.78 -23.97 -2.64
N LYS A 190 -41.37 -23.31 -3.71
CA LYS A 190 -42.20 -23.11 -4.88
C LYS A 190 -41.33 -22.74 -6.09
N THR A 191 -41.54 -23.40 -7.22
CA THR A 191 -40.79 -23.09 -8.43
C THR A 191 -41.03 -21.61 -8.74
N GLY A 192 -40.03 -20.96 -9.31
CA GLY A 192 -40.18 -19.54 -9.61
C GLY A 192 -39.32 -18.68 -8.70
N VAL A 193 -38.72 -19.30 -7.68
CA VAL A 193 -37.84 -18.61 -6.74
C VAL A 193 -36.81 -19.58 -6.18
N TRP A 194 -35.56 -19.15 -6.08
CA TRP A 194 -34.53 -20.01 -5.52
C TRP A 194 -34.55 -19.84 -4.02
N GLN A 195 -35.69 -20.21 -3.44
CA GLN A 195 -35.92 -20.09 -2.02
C GLN A 195 -36.32 -21.45 -1.45
N ILE A 196 -35.74 -21.79 -0.31
CA ILE A 196 -36.05 -23.05 0.33
C ILE A 196 -36.45 -22.82 1.77
N GLN A 197 -37.06 -23.84 2.38
CA GLN A 197 -37.47 -23.78 3.77
C GLN A 197 -36.23 -23.97 4.64
N MET A 198 -36.12 -23.18 5.70
CA MET A 198 -35.01 -23.28 6.64
C MET A 198 -35.65 -23.61 7.99
N LYS A 199 -35.19 -24.67 8.64
CA LYS A 199 -35.77 -25.09 9.90
C LYS A 199 -35.31 -24.33 11.14
N GLY A 200 -34.11 -23.76 11.10
CA GLY A 200 -33.62 -23.01 12.25
C GLY A 200 -32.23 -22.45 12.10
N VAL A 201 -31.94 -21.39 12.85
CA VAL A 201 -30.64 -20.75 12.83
C VAL A 201 -30.10 -20.71 14.25
N SER A 202 -28.90 -21.22 14.44
CA SER A 202 -28.32 -21.24 15.77
C SER A 202 -27.01 -20.49 15.88
N VAL A 203 -26.83 -19.83 17.01
CA VAL A 203 -25.62 -19.07 17.28
C VAL A 203 -25.01 -19.70 18.51
N GLY A 204 -23.90 -20.40 18.32
CA GLY A 204 -23.26 -21.07 19.44
C GLY A 204 -24.04 -22.35 19.69
N SER A 205 -24.06 -22.81 20.94
CA SER A 205 -24.77 -24.04 21.29
C SER A 205 -26.20 -23.74 21.75
N SER A 206 -26.98 -23.10 20.88
CA SER A 206 -28.37 -22.77 21.18
C SER A 206 -29.11 -22.20 19.96
N THR A 207 -30.14 -22.93 19.52
CA THR A 207 -30.95 -22.49 18.37
C THR A 207 -31.85 -21.38 18.87
N LEU A 208 -31.29 -20.18 18.97
CA LEU A 208 -32.05 -19.04 19.46
C LEU A 208 -32.75 -18.22 18.38
N LEU A 209 -32.54 -18.58 17.11
CA LEU A 209 -33.18 -17.86 16.01
C LEU A 209 -33.99 -18.77 15.09
N CYS A 210 -34.89 -18.16 14.31
CA CYS A 210 -35.73 -18.88 13.37
C CYS A 210 -36.34 -20.17 13.91
N GLU A 211 -36.81 -20.15 15.16
CA GLU A 211 -37.45 -21.34 15.69
C GLU A 211 -38.77 -21.33 14.93
N ASP A 212 -39.50 -22.43 14.92
CA ASP A 212 -40.77 -22.45 14.21
C ASP A 212 -40.59 -22.37 12.70
N GLY A 213 -39.37 -22.16 12.23
CA GLY A 213 -39.14 -22.09 10.80
C GLY A 213 -39.12 -20.69 10.20
N CYS A 214 -38.55 -20.59 9.01
CA CYS A 214 -38.43 -19.32 8.31
C CYS A 214 -37.96 -19.60 6.87
N LEU A 215 -37.85 -18.55 6.05
CA LEU A 215 -37.43 -18.69 4.66
C LEU A 215 -35.95 -18.37 4.39
N ALA A 216 -35.41 -18.96 3.32
CA ALA A 216 -34.02 -18.75 2.93
C ALA A 216 -33.86 -18.65 1.41
N LEU A 217 -33.42 -17.49 0.94
CA LEU A 217 -33.22 -17.29 -0.48
C LEU A 217 -31.73 -17.57 -0.70
N VAL A 218 -31.42 -18.39 -1.69
CA VAL A 218 -30.02 -18.70 -1.99
C VAL A 218 -29.68 -17.78 -3.16
N ASP A 219 -29.10 -16.64 -2.81
CA ASP A 219 -28.79 -15.57 -3.74
C ASP A 219 -27.31 -15.36 -4.10
N THR A 220 -26.92 -15.83 -5.29
CA THR A 220 -25.55 -15.68 -5.75
C THR A 220 -25.19 -14.24 -6.12
N GLY A 221 -26.20 -13.37 -6.15
CA GLY A 221 -25.97 -11.98 -6.49
C GLY A 221 -25.84 -11.10 -5.27
N ALA A 222 -25.86 -11.70 -4.09
CA ALA A 222 -25.73 -10.98 -2.82
C ALA A 222 -24.37 -11.25 -2.18
N SER A 223 -23.71 -10.20 -1.71
CA SER A 223 -22.38 -10.36 -1.11
C SER A 223 -22.42 -11.10 0.21
N TYR A 224 -23.42 -10.80 1.03
CA TYR A 224 -23.48 -11.41 2.35
C TYR A 224 -24.64 -12.34 2.63
N ILE A 225 -24.75 -12.72 3.90
CA ILE A 225 -25.84 -13.53 4.39
C ILE A 225 -26.71 -12.47 5.06
N SER A 226 -28.00 -12.42 4.73
CA SER A 226 -28.87 -11.42 5.35
C SER A 226 -30.12 -12.01 5.99
N GLY A 227 -30.64 -11.29 6.98
CA GLY A 227 -31.84 -11.68 7.67
C GLY A 227 -32.69 -10.44 7.89
N SER A 228 -33.90 -10.60 8.43
CA SER A 228 -34.78 -9.47 8.70
C SER A 228 -34.11 -8.64 9.80
N THR A 229 -34.45 -7.37 9.88
CA THR A 229 -33.89 -6.49 10.90
C THR A 229 -34.05 -7.07 12.30
N SER A 230 -35.24 -7.56 12.63
CA SER A 230 -35.44 -8.15 13.96
C SER A 230 -34.45 -9.27 14.19
N SER A 231 -34.45 -10.26 13.30
CA SER A 231 -33.55 -11.40 13.41
C SER A 231 -32.10 -10.99 13.60
N ILE A 232 -31.59 -10.15 12.71
CA ILE A 232 -30.22 -9.70 12.78
C ILE A 232 -29.89 -8.98 14.08
N GLU A 233 -30.72 -8.01 14.46
CA GLU A 233 -30.50 -7.29 15.71
C GLU A 233 -30.26 -8.30 16.83
N LYS A 234 -31.10 -9.33 16.86
CA LYS A 234 -31.02 -10.38 17.87
C LYS A 234 -29.75 -11.21 17.72
N LEU A 235 -29.42 -11.59 16.49
CA LEU A 235 -28.23 -12.36 16.23
C LEU A 235 -26.98 -11.56 16.58
N MET A 236 -26.99 -10.29 16.20
CA MET A 236 -25.85 -9.42 16.47
C MET A 236 -25.65 -9.12 17.95
N GLU A 237 -26.73 -9.06 18.73
CA GLU A 237 -26.57 -8.80 20.15
C GLU A 237 -25.88 -10.00 20.78
N ALA A 238 -26.07 -11.17 20.16
CA ALA A 238 -25.48 -12.40 20.64
C ALA A 238 -23.98 -12.45 20.36
N LEU A 239 -23.58 -11.88 19.23
CA LEU A 239 -22.17 -11.85 18.87
C LEU A 239 -21.44 -10.70 19.54
N GLY A 240 -22.20 -9.72 20.03
CA GLY A 240 -21.59 -8.57 20.68
C GLY A 240 -21.13 -7.54 19.67
N ALA A 241 -21.87 -7.44 18.56
CA ALA A 241 -21.52 -6.50 17.50
C ALA A 241 -22.27 -5.19 17.65
N LYS A 242 -21.68 -4.14 17.09
CA LYS A 242 -22.27 -2.80 17.14
C LYS A 242 -22.78 -2.50 15.74
N LYS A 243 -23.93 -1.86 15.65
CA LYS A 243 -24.51 -1.54 14.37
C LYS A 243 -24.05 -0.17 13.90
N ARG A 244 -23.58 -0.11 12.66
CA ARG A 244 -23.14 1.13 12.06
C ARG A 244 -24.13 1.50 10.98
N LEU A 245 -23.75 2.43 10.11
CA LEU A 245 -24.62 2.87 9.04
C LEU A 245 -25.05 1.71 8.14
N PHE A 246 -24.09 1.05 7.52
CA PHE A 246 -24.39 -0.05 6.61
C PHE A 246 -23.99 -1.45 7.09
N ASP A 247 -23.13 -1.54 8.08
CA ASP A 247 -22.69 -2.84 8.54
C ASP A 247 -22.68 -3.00 10.04
N TYR A 248 -22.21 -4.16 10.48
CA TYR A 248 -22.08 -4.50 11.88
C TYR A 248 -20.61 -4.79 12.13
N VAL A 249 -20.06 -4.23 13.20
CA VAL A 249 -18.66 -4.48 13.51
C VAL A 249 -18.48 -5.04 14.90
N VAL A 250 -17.30 -5.58 15.13
CA VAL A 250 -16.95 -6.17 16.39
C VAL A 250 -15.48 -5.79 16.57
N LYS A 251 -14.98 -5.73 17.79
CA LYS A 251 -13.56 -5.40 17.98
C LYS A 251 -12.73 -6.47 17.29
N CYS A 252 -11.83 -6.08 16.40
CA CYS A 252 -11.03 -7.05 15.65
C CYS A 252 -10.39 -8.15 16.49
N ASN A 253 -9.87 -7.81 17.65
CA ASN A 253 -9.23 -8.83 18.48
C ASN A 253 -10.25 -9.87 18.94
N GLU A 254 -11.53 -9.50 18.91
CA GLU A 254 -12.58 -10.43 19.32
C GLU A 254 -13.04 -11.34 18.22
N GLY A 255 -12.85 -10.91 16.97
CA GLY A 255 -13.28 -11.70 15.83
C GLY A 255 -12.96 -13.19 15.86
N PRO A 256 -11.68 -13.56 15.97
CA PRO A 256 -11.22 -14.94 16.00
C PRO A 256 -11.97 -15.87 16.95
N THR A 257 -12.53 -15.34 18.03
CA THR A 257 -13.23 -16.20 18.98
C THR A 257 -14.74 -16.16 18.94
N LEU A 258 -15.32 -15.32 18.08
CA LEU A 258 -16.77 -15.26 17.98
C LEU A 258 -17.22 -16.70 17.74
N PRO A 259 -18.44 -17.03 18.17
CA PRO A 259 -19.03 -18.37 18.03
C PRO A 259 -19.47 -18.75 16.62
N ASP A 260 -19.75 -20.03 16.46
CA ASP A 260 -20.22 -20.57 15.20
C ASP A 260 -21.66 -20.15 14.98
N ILE A 261 -22.04 -20.01 13.72
CA ILE A 261 -23.41 -19.66 13.37
C ILE A 261 -23.84 -20.78 12.44
N SER A 262 -24.97 -21.40 12.73
CA SER A 262 -25.44 -22.50 11.90
C SER A 262 -26.79 -22.29 11.26
N PHE A 263 -26.97 -22.90 10.10
CA PHE A 263 -28.22 -22.80 9.36
C PHE A 263 -28.76 -24.21 9.10
N HIS A 264 -29.91 -24.50 9.67
CA HIS A 264 -30.53 -25.81 9.50
C HIS A 264 -31.33 -25.87 8.18
N LEU A 265 -30.78 -26.57 7.19
CA LEU A 265 -31.42 -26.67 5.89
C LEU A 265 -31.65 -28.11 5.45
N GLY A 266 -32.90 -28.43 5.14
CA GLY A 266 -33.27 -29.75 4.70
C GLY A 266 -32.68 -30.87 5.53
N GLY A 267 -32.72 -30.72 6.85
CA GLY A 267 -32.18 -31.75 7.70
C GLY A 267 -30.68 -31.93 7.48
N LYS A 268 -29.90 -30.95 7.94
CA LYS A 268 -28.44 -30.96 7.83
C LYS A 268 -28.00 -29.57 8.27
N GLU A 269 -27.09 -29.52 9.25
CA GLU A 269 -26.62 -28.24 9.76
C GLU A 269 -25.43 -27.69 8.96
N TYR A 270 -25.57 -26.50 8.43
CA TYR A 270 -24.49 -25.87 7.67
C TYR A 270 -23.85 -24.83 8.59
N THR A 271 -22.66 -25.14 9.07
CA THR A 271 -21.97 -24.29 10.01
C THR A 271 -20.89 -23.36 9.48
N LEU A 272 -20.95 -22.11 9.94
CA LEU A 272 -19.94 -21.13 9.57
C LEU A 272 -19.15 -20.82 10.83
N THR A 273 -17.85 -20.70 10.65
CA THR A 273 -16.94 -20.38 11.74
C THR A 273 -16.71 -18.87 11.72
N SER A 274 -16.19 -18.30 12.80
CA SER A 274 -15.95 -16.87 12.80
C SER A 274 -15.04 -16.50 11.64
N ALA A 275 -14.12 -17.39 11.29
CA ALA A 275 -13.22 -17.13 10.17
C ALA A 275 -14.04 -16.98 8.89
N ASP A 276 -15.12 -17.74 8.80
CA ASP A 276 -15.99 -17.72 7.63
C ASP A 276 -16.84 -16.46 7.45
N TYR A 277 -17.15 -15.77 8.54
CA TYR A 277 -18.01 -14.59 8.41
C TYR A 277 -17.49 -13.22 8.85
N VAL A 278 -16.27 -13.14 9.36
CA VAL A 278 -15.78 -11.82 9.72
C VAL A 278 -14.57 -11.47 8.87
N PHE A 279 -14.51 -10.23 8.41
CA PHE A 279 -13.37 -9.80 7.63
C PHE A 279 -12.30 -9.46 8.64
N GLN A 280 -11.48 -10.46 8.93
CA GLN A 280 -10.39 -10.35 9.88
C GLN A 280 -9.23 -9.54 9.26
N GLU A 281 -9.40 -8.23 9.16
CA GLU A 281 -8.38 -7.38 8.55
C GLU A 281 -7.31 -6.99 9.56
N SER A 282 -7.53 -7.34 10.82
CA SER A 282 -6.58 -6.98 11.86
C SER A 282 -6.87 -7.77 13.13
N TYR A 283 -5.98 -7.63 14.11
CA TYR A 283 -6.15 -8.31 15.38
C TYR A 283 -6.19 -7.29 16.50
N SER A 284 -5.93 -6.03 16.12
CA SER A 284 -5.93 -4.92 17.06
C SER A 284 -7.27 -4.77 17.78
N SER A 285 -7.22 -4.44 19.07
CA SER A 285 -8.44 -4.25 19.83
C SER A 285 -8.84 -2.78 19.73
N LYS A 286 -8.16 -2.05 18.85
CA LYS A 286 -8.45 -0.64 18.64
C LYS A 286 -9.03 -0.40 17.25
N LYS A 287 -9.28 -1.49 16.53
CA LYS A 287 -9.85 -1.40 15.20
C LYS A 287 -11.13 -2.21 15.09
N LEU A 288 -12.04 -1.73 14.24
CA LEU A 288 -13.31 -2.40 14.04
C LEU A 288 -13.22 -3.34 12.84
N CYS A 289 -13.84 -4.51 12.96
CA CYS A 289 -13.83 -5.49 11.89
C CYS A 289 -15.27 -5.80 11.51
N THR A 290 -15.57 -5.73 10.20
CA THR A 290 -16.92 -5.98 9.69
C THR A 290 -17.30 -7.45 9.56
N LEU A 291 -18.59 -7.73 9.75
CA LEU A 291 -19.08 -9.10 9.63
C LEU A 291 -19.76 -9.24 8.28
N ALA A 292 -19.59 -10.39 7.64
CA ALA A 292 -20.19 -10.64 6.34
C ALA A 292 -21.67 -11.00 6.47
N ILE A 293 -22.32 -10.50 7.51
CA ILE A 293 -23.74 -10.75 7.73
C ILE A 293 -24.41 -9.39 7.88
N HIS A 294 -25.45 -9.13 7.12
CA HIS A 294 -26.15 -7.84 7.19
C HIS A 294 -27.62 -8.02 7.49
N ALA A 295 -28.32 -6.90 7.60
CA ALA A 295 -29.74 -6.88 7.84
C ALA A 295 -30.34 -6.39 6.52
N MET A 296 -31.36 -7.08 6.03
CA MET A 296 -31.99 -6.70 4.78
C MET A 296 -33.43 -7.15 4.79
N ASP A 297 -34.35 -6.21 4.79
CA ASP A 297 -35.77 -6.55 4.82
C ASP A 297 -36.35 -6.71 3.43
N ILE A 298 -36.42 -7.95 2.96
CA ILE A 298 -36.97 -8.25 1.64
C ILE A 298 -38.49 -8.24 1.73
N PRO A 299 -39.15 -7.42 0.90
CA PRO A 299 -40.61 -7.30 0.88
C PRO A 299 -41.28 -8.44 0.13
N PRO A 300 -42.54 -8.75 0.49
CA PRO A 300 -43.33 -9.81 -0.14
C PRO A 300 -43.45 -9.58 -1.65
N PRO A 301 -43.80 -10.63 -2.41
CA PRO A 301 -44.07 -11.98 -1.92
C PRO A 301 -42.84 -12.74 -1.41
N THR A 302 -41.68 -12.51 -2.04
CA THR A 302 -40.44 -13.19 -1.66
C THR A 302 -40.15 -13.15 -0.17
N GLY A 303 -40.03 -11.95 0.40
CA GLY A 303 -39.74 -11.82 1.82
C GLY A 303 -40.99 -11.72 2.68
N PRO A 304 -40.85 -11.68 4.02
CA PRO A 304 -39.59 -11.72 4.79
C PRO A 304 -38.85 -13.03 4.53
N THR A 305 -37.53 -12.96 4.49
CA THR A 305 -36.71 -14.15 4.25
C THR A 305 -35.25 -13.87 4.51
N TRP A 306 -34.50 -14.91 4.86
CA TRP A 306 -33.07 -14.74 5.05
C TRP A 306 -32.54 -14.87 3.63
N ALA A 307 -31.29 -14.48 3.42
CA ALA A 307 -30.70 -14.62 2.09
C ALA A 307 -29.29 -15.18 2.28
N LEU A 308 -29.00 -16.27 1.59
CA LEU A 308 -27.68 -16.89 1.69
C LEU A 308 -26.84 -16.48 0.48
N GLY A 309 -26.02 -15.44 0.68
CA GLY A 309 -25.19 -14.94 -0.39
C GLY A 309 -23.81 -15.55 -0.46
N ALA A 310 -22.86 -14.75 -0.95
CA ALA A 310 -21.48 -15.17 -1.11
C ALA A 310 -20.83 -15.67 0.18
N THR A 311 -21.24 -15.13 1.32
CA THR A 311 -20.63 -15.55 2.57
C THR A 311 -20.84 -17.04 2.78
N PHE A 312 -22.05 -17.50 2.47
CA PHE A 312 -22.45 -18.89 2.62
C PHE A 312 -21.96 -19.78 1.46
N ILE A 313 -22.02 -19.27 0.25
CA ILE A 313 -21.61 -20.03 -0.92
C ILE A 313 -20.09 -20.26 -0.94
N ARG A 314 -19.32 -19.36 -0.35
CA ARG A 314 -17.87 -19.56 -0.33
C ARG A 314 -17.58 -20.90 0.32
N LYS A 315 -18.35 -21.24 1.35
CA LYS A 315 -18.12 -22.48 2.05
C LYS A 315 -18.85 -23.69 1.48
N PHE A 316 -20.01 -23.47 0.88
CA PHE A 316 -20.75 -24.59 0.31
C PHE A 316 -21.04 -24.48 -1.17
N TYR A 317 -20.32 -25.26 -1.97
CA TYR A 317 -20.53 -25.30 -3.40
C TYR A 317 -22.07 -25.45 -3.58
N THR A 318 -22.65 -24.72 -4.53
CA THR A 318 -24.09 -24.77 -4.70
C THR A 318 -24.58 -25.11 -6.11
N GLU A 319 -25.47 -26.09 -6.19
CA GLU A 319 -26.01 -26.49 -7.48
C GLU A 319 -27.48 -26.13 -7.53
N PHE A 320 -27.88 -25.48 -8.62
CA PHE A 320 -29.28 -25.09 -8.79
C PHE A 320 -29.89 -26.01 -9.82
N ASP A 321 -30.81 -26.84 -9.36
CA ASP A 321 -31.46 -27.83 -10.22
C ASP A 321 -32.86 -27.42 -10.68
N ARG A 322 -32.98 -27.10 -11.97
CA ARG A 322 -34.25 -26.69 -12.56
C ARG A 322 -35.19 -27.86 -12.86
N ARG A 323 -34.63 -28.98 -13.31
CA ARG A 323 -35.45 -30.13 -13.63
C ARG A 323 -36.18 -30.68 -12.40
N ASN A 324 -35.51 -30.64 -11.25
CA ASN A 324 -36.11 -31.17 -10.03
C ASN A 324 -36.52 -30.13 -9.00
N ASN A 325 -36.42 -28.85 -9.37
CA ASN A 325 -36.75 -27.74 -8.47
C ASN A 325 -36.21 -27.87 -7.05
N ARG A 326 -34.91 -28.12 -6.95
CA ARG A 326 -34.26 -28.25 -5.66
C ARG A 326 -32.87 -27.63 -5.72
N ILE A 327 -32.31 -27.38 -4.56
CA ILE A 327 -30.97 -26.82 -4.46
C ILE A 327 -30.09 -27.82 -3.74
N GLY A 328 -28.85 -27.92 -4.17
CA GLY A 328 -27.94 -28.85 -3.55
C GLY A 328 -26.71 -28.15 -2.99
N PHE A 329 -26.30 -28.58 -1.81
CA PHE A 329 -25.13 -28.01 -1.17
C PHE A 329 -24.10 -29.12 -0.90
N ALA A 330 -22.82 -28.76 -1.03
CA ALA A 330 -21.74 -29.70 -0.77
C ALA A 330 -20.59 -28.88 -0.27
N LEU A 331 -19.78 -29.45 0.63
CA LEU A 331 -18.62 -28.75 1.18
C LEU A 331 -17.72 -28.32 0.02
N ALA A 332 -17.40 -27.03 -0.04
CA ALA A 332 -16.54 -26.52 -1.10
C ALA A 332 -15.09 -26.97 -0.92
N ARG A 333 -14.43 -27.23 -2.04
CA ARG A 333 -13.04 -27.70 -2.08
C ARG A 333 -12.17 -26.66 -2.79
N SER B 1 22.85 25.53 -8.23
CA SER B 1 22.21 24.29 -8.66
C SER B 1 21.68 23.61 -7.42
N SER B 2 20.44 23.15 -7.49
CA SER B 2 19.85 22.50 -6.33
C SER B 2 19.25 21.15 -6.69
N VAL B 3 19.29 20.21 -5.76
CA VAL B 3 18.71 18.90 -6.00
C VAL B 3 17.84 18.53 -4.82
N ILE B 4 16.60 18.16 -5.13
CA ILE B 4 15.62 17.78 -4.14
C ILE B 4 15.99 16.43 -3.52
N LEU B 5 15.90 16.35 -2.19
CA LEU B 5 16.25 15.14 -1.47
C LEU B 5 15.05 14.38 -0.94
N THR B 6 15.18 13.07 -0.90
CA THR B 6 14.14 12.18 -0.38
C THR B 6 14.49 11.85 1.06
N ASN B 7 13.52 11.99 1.96
CA ASN B 7 13.74 11.68 3.36
C ASN B 7 13.13 10.34 3.75
N TYR B 8 13.99 9.39 4.12
CA TYR B 8 13.54 8.07 4.51
C TYR B 8 13.68 7.88 6.02
N MET B 9 12.54 7.87 6.72
CA MET B 9 12.52 7.67 8.17
C MET B 9 13.47 8.58 8.98
N ASP B 10 13.74 9.80 8.49
CA ASP B 10 14.63 10.73 9.19
C ASP B 10 16.05 10.21 9.38
N THR B 11 16.38 9.05 8.81
CA THR B 11 17.73 8.51 8.96
C THR B 11 18.54 8.47 7.67
N GLN B 12 17.87 8.67 6.55
CA GLN B 12 18.55 8.66 5.25
C GLN B 12 18.05 9.82 4.40
N TYR B 13 18.97 10.54 3.77
CA TYR B 13 18.63 11.66 2.91
C TYR B 13 19.44 11.53 1.63
N TYR B 14 18.76 11.35 0.51
CA TYR B 14 19.43 11.20 -0.77
C TYR B 14 18.70 11.90 -1.89
N GLY B 15 19.42 12.15 -2.98
CA GLY B 15 18.84 12.81 -4.13
C GLY B 15 19.33 12.12 -5.37
N GLU B 16 18.93 12.61 -6.54
CA GLU B 16 19.36 11.99 -7.78
C GLU B 16 20.53 12.71 -8.47
N ILE B 17 21.35 11.92 -9.16
CA ILE B 17 22.45 12.44 -9.95
C ILE B 17 22.51 11.56 -11.21
N GLY B 18 23.13 12.08 -12.26
CA GLY B 18 23.23 11.32 -13.48
C GLY B 18 24.68 11.06 -13.81
N ILE B 19 24.95 9.89 -14.37
CA ILE B 19 26.31 9.52 -14.75
C ILE B 19 26.31 8.92 -16.16
N GLY B 20 27.10 9.51 -17.04
CA GLY B 20 27.18 9.00 -18.40
C GLY B 20 26.32 9.66 -19.46
N THR B 21 26.57 9.28 -20.70
CA THR B 21 25.84 9.80 -21.84
C THR B 21 25.34 8.62 -22.67
N PRO B 22 24.02 8.34 -22.64
CA PRO B 22 23.04 9.11 -21.87
C PRO B 22 23.24 8.88 -20.37
N PRO B 23 22.74 9.81 -19.54
CA PRO B 23 22.86 9.71 -18.08
C PRO B 23 22.08 8.58 -17.41
N GLN B 24 22.75 7.83 -16.54
CA GLN B 24 22.11 6.76 -15.79
C GLN B 24 21.79 7.39 -14.43
N THR B 25 20.56 7.24 -13.97
CA THR B 25 20.09 7.84 -12.72
C THR B 25 20.29 7.06 -11.43
N PHE B 26 20.94 7.69 -10.46
CA PHE B 26 21.23 7.07 -9.15
C PHE B 26 20.75 7.91 -7.98
N LYS B 27 20.55 7.23 -6.85
CA LYS B 27 20.14 7.89 -5.62
C LYS B 27 21.37 7.96 -4.73
N VAL B 28 21.91 9.15 -4.54
CA VAL B 28 23.10 9.30 -3.71
C VAL B 28 22.87 10.17 -2.48
N VAL B 29 23.68 9.95 -1.45
CA VAL B 29 23.62 10.76 -0.25
C VAL B 29 24.76 11.76 -0.43
N PHE B 30 24.46 13.04 -0.20
CA PHE B 30 25.47 14.07 -0.31
C PHE B 30 26.10 14.13 1.08
N ASP B 31 27.35 13.68 1.13
CA ASP B 31 28.14 13.51 2.36
C ASP B 31 29.36 14.43 2.60
N THR B 32 29.25 15.36 3.56
CA THR B 32 30.37 16.25 3.87
C THR B 32 31.41 15.54 4.73
N GLY B 33 31.12 14.29 5.10
CA GLY B 33 32.03 13.51 5.92
C GLY B 33 32.94 12.59 5.12
N SER B 34 32.86 12.67 3.79
CA SER B 34 33.70 11.87 2.91
C SER B 34 34.00 12.71 1.68
N SER B 35 34.96 12.28 0.86
CA SER B 35 35.33 13.08 -0.32
C SER B 35 35.35 12.35 -1.66
N ASN B 36 34.87 11.12 -1.68
CA ASN B 36 34.84 10.37 -2.92
C ASN B 36 33.42 10.15 -3.41
N VAL B 37 33.28 10.02 -4.74
CA VAL B 37 31.99 9.76 -5.35
C VAL B 37 32.00 8.29 -5.76
N TRP B 38 30.90 7.58 -5.54
CA TRP B 38 30.84 6.18 -5.93
C TRP B 38 29.42 5.65 -6.07
N VAL B 39 29.24 4.70 -6.98
CA VAL B 39 27.96 4.06 -7.24
C VAL B 39 28.22 2.58 -7.52
N PRO B 40 27.21 1.72 -7.31
CA PRO B 40 27.39 0.28 -7.56
C PRO B 40 27.68 0.05 -9.04
N SER B 41 28.62 -0.84 -9.32
CA SER B 41 28.98 -1.14 -10.71
C SER B 41 28.18 -2.31 -11.28
N SER B 42 28.15 -2.40 -12.62
CA SER B 42 27.44 -3.49 -13.28
C SER B 42 28.34 -4.71 -13.14
N LYS B 43 29.62 -4.47 -12.90
CA LYS B 43 30.57 -5.55 -12.74
C LYS B 43 30.49 -6.12 -11.33
N CYS B 44 29.57 -5.60 -10.52
CA CYS B 44 29.41 -6.10 -9.16
C CYS B 44 28.67 -7.43 -9.18
N SER B 45 29.30 -8.46 -8.60
CA SER B 45 28.71 -9.80 -8.55
C SER B 45 27.26 -9.80 -8.07
N ARG B 46 26.59 -10.91 -8.30
CA ARG B 46 25.21 -11.06 -7.87
C ARG B 46 25.18 -11.74 -6.52
N LEU B 47 26.34 -12.23 -6.10
CA LEU B 47 26.49 -12.89 -4.81
C LEU B 47 26.14 -11.87 -3.73
N TYR B 48 26.58 -10.64 -3.94
CA TYR B 48 26.29 -9.55 -3.02
C TYR B 48 24.82 -9.21 -3.19
N THR B 49 23.99 -9.65 -2.25
CA THR B 49 22.57 -9.37 -2.33
C THR B 49 22.36 -7.86 -2.49
N ALA B 50 23.32 -7.08 -2.02
CA ALA B 50 23.24 -5.62 -2.10
C ALA B 50 23.25 -5.12 -3.54
N CYS B 51 23.93 -5.83 -4.42
CA CYS B 51 23.99 -5.41 -5.82
C CYS B 51 22.82 -5.86 -6.67
N VAL B 52 21.86 -6.54 -6.05
CA VAL B 52 20.70 -6.99 -6.80
C VAL B 52 19.53 -6.05 -6.52
N TYR B 53 19.65 -5.28 -5.44
CA TYR B 53 18.61 -4.33 -5.04
C TYR B 53 19.08 -2.88 -5.15
N HIS B 54 20.02 -2.63 -6.06
CA HIS B 54 20.55 -1.29 -6.27
C HIS B 54 20.88 -1.08 -7.74
N LYS B 55 20.65 0.15 -8.22
CA LYS B 55 20.92 0.46 -9.60
C LYS B 55 22.43 0.36 -9.84
N LEU B 56 22.81 -0.27 -10.94
CA LEU B 56 24.23 -0.45 -11.25
C LEU B 56 24.65 0.38 -12.46
N PHE B 57 25.90 0.82 -12.45
CA PHE B 57 26.43 1.62 -13.54
C PHE B 57 27.04 0.71 -14.60
N ASP B 58 26.58 0.87 -15.83
CA ASP B 58 27.04 0.08 -16.96
C ASP B 58 27.90 0.94 -17.88
N ALA B 59 29.21 0.93 -17.66
CA ALA B 59 30.15 1.72 -18.45
C ALA B 59 30.00 1.53 -19.97
N SER B 60 29.69 0.31 -20.39
CA SER B 60 29.56 0.01 -21.81
C SER B 60 28.37 0.70 -22.47
N ASP B 61 27.60 1.45 -21.69
CA ASP B 61 26.44 2.14 -22.25
C ASP B 61 26.59 3.65 -22.28
N SER B 62 27.79 4.15 -22.00
CA SER B 62 28.02 5.59 -22.02
C SER B 62 29.09 5.98 -23.03
N SER B 63 28.72 6.83 -23.97
CA SER B 63 29.65 7.27 -24.99
C SER B 63 30.68 8.25 -24.44
N SER B 64 30.60 8.53 -23.14
CA SER B 64 31.54 9.45 -22.51
C SER B 64 32.37 8.82 -21.41
N TYR B 65 32.18 7.54 -21.17
CA TYR B 65 32.94 6.85 -20.14
C TYR B 65 34.39 6.68 -20.57
N LYS B 66 35.30 7.02 -19.67
CA LYS B 66 36.73 6.89 -19.95
C LYS B 66 37.29 5.89 -18.95
N HIS B 67 37.92 4.84 -19.47
CA HIS B 67 38.48 3.80 -18.62
C HIS B 67 39.63 4.23 -17.73
N ASN B 68 39.70 3.59 -16.56
CA ASN B 68 40.73 3.81 -15.55
C ASN B 68 40.60 2.57 -14.69
N GLY B 69 41.71 1.95 -14.32
CA GLY B 69 41.60 0.75 -13.53
C GLY B 69 41.89 0.89 -12.05
N THR B 70 42.57 1.96 -11.68
CA THR B 70 42.94 2.19 -10.29
C THR B 70 41.92 1.64 -9.32
N GLU B 71 42.40 0.77 -8.44
CA GLU B 71 41.59 0.11 -7.44
C GLU B 71 41.49 1.00 -6.19
N LEU B 72 40.38 0.92 -5.47
CA LEU B 72 40.21 1.73 -4.26
C LEU B 72 39.23 1.12 -3.26
N THR B 73 39.39 1.52 -2.00
CA THR B 73 38.56 1.05 -0.91
C THR B 73 38.09 2.23 -0.08
N LEU B 74 36.77 2.31 0.17
CA LEU B 74 36.21 3.39 0.97
C LEU B 74 35.59 2.86 2.25
N ARG B 75 36.02 3.41 3.39
CA ARG B 75 35.52 2.98 4.69
C ARG B 75 34.73 4.06 5.42
N TYR B 76 33.54 3.70 5.90
CA TYR B 76 32.71 4.64 6.64
C TYR B 76 32.52 4.15 8.06
N SER B 77 31.91 4.99 8.89
CA SER B 77 31.65 4.64 10.28
C SER B 77 30.87 3.34 10.35
N THR B 78 29.93 3.19 9.43
CA THR B 78 29.07 2.01 9.44
C THR B 78 29.27 0.95 8.36
N GLY B 79 30.18 1.17 7.42
CA GLY B 79 30.39 0.18 6.36
C GLY B 79 31.57 0.44 5.45
N THR B 80 31.88 -0.53 4.59
CA THR B 80 33.01 -0.42 3.66
C THR B 80 32.70 -0.95 2.26
N VAL B 81 33.24 -0.28 1.24
CA VAL B 81 33.05 -0.69 -0.16
C VAL B 81 34.38 -0.63 -0.92
N SER B 82 34.45 -1.38 -2.01
CA SER B 82 35.66 -1.43 -2.84
C SER B 82 35.31 -1.43 -4.32
N GLY B 83 36.28 -1.09 -5.15
CA GLY B 83 36.03 -1.05 -6.58
C GLY B 83 37.16 -0.34 -7.30
N PHE B 84 36.90 0.09 -8.54
CA PHE B 84 37.91 0.78 -9.35
C PHE B 84 37.43 2.15 -9.79
N LEU B 85 38.36 3.01 -10.17
CA LEU B 85 38.00 4.35 -10.63
C LEU B 85 37.58 4.33 -12.09
N SER B 86 36.64 5.20 -12.43
CA SER B 86 36.15 5.34 -13.79
C SER B 86 35.88 6.82 -13.97
N GLN B 87 35.85 7.28 -15.22
CA GLN B 87 35.59 8.69 -15.45
C GLN B 87 34.37 8.85 -16.34
N ASP B 88 33.60 9.90 -16.07
CA ASP B 88 32.42 10.17 -16.88
C ASP B 88 31.79 11.47 -16.42
N ILE B 89 30.82 11.98 -17.17
CA ILE B 89 30.18 13.21 -16.77
C ILE B 89 29.02 12.92 -15.83
N ILE B 90 28.98 13.67 -14.73
CA ILE B 90 27.94 13.53 -13.72
C ILE B 90 27.01 14.73 -13.78
N THR B 91 25.71 14.47 -13.78
CA THR B 91 24.72 15.54 -13.82
C THR B 91 24.17 15.79 -12.42
N VAL B 92 24.36 17.00 -11.92
CA VAL B 92 23.84 17.35 -10.59
C VAL B 92 22.88 18.52 -10.78
N GLY B 93 21.59 18.20 -10.70
CA GLY B 93 20.54 19.20 -10.84
C GLY B 93 20.81 20.41 -11.71
N GLY B 94 21.16 20.22 -12.97
CA GLY B 94 21.41 21.36 -13.81
C GLY B 94 22.87 21.57 -14.20
N ILE B 95 23.77 21.06 -13.37
CA ILE B 95 25.20 21.19 -13.65
C ILE B 95 25.73 19.84 -14.15
N THR B 96 26.64 19.88 -15.12
CA THR B 96 27.26 18.67 -15.65
C THR B 96 28.77 18.85 -15.51
N VAL B 97 29.45 17.88 -14.91
CA VAL B 97 30.89 17.99 -14.73
C VAL B 97 31.61 16.66 -14.92
N THR B 98 32.78 16.71 -15.56
CA THR B 98 33.57 15.50 -15.78
C THR B 98 34.16 15.11 -14.43
N GLN B 99 33.75 13.95 -13.92
CA GLN B 99 34.20 13.50 -12.62
C GLN B 99 34.75 12.09 -12.54
N MET B 100 35.78 11.91 -11.71
CA MET B 100 36.36 10.59 -11.51
C MET B 100 35.70 10.05 -10.26
N PHE B 101 34.96 8.96 -10.42
CA PHE B 101 34.26 8.35 -9.31
C PHE B 101 34.65 6.89 -9.21
N GLY B 102 34.11 6.21 -8.21
CA GLY B 102 34.41 4.81 -8.04
C GLY B 102 33.25 3.92 -8.42
N GLU B 103 33.57 2.82 -9.10
CA GLU B 103 32.57 1.85 -9.48
C GLU B 103 32.79 0.77 -8.43
N VAL B 104 31.79 0.56 -7.60
CA VAL B 104 31.87 -0.42 -6.52
C VAL B 104 31.49 -1.82 -6.96
N THR B 105 32.35 -2.77 -6.64
CA THR B 105 32.12 -4.17 -6.99
C THR B 105 31.86 -4.99 -5.74
N GLU B 106 32.34 -4.51 -4.59
CA GLU B 106 32.14 -5.19 -3.33
C GLU B 106 31.22 -4.37 -2.44
N MET B 107 29.98 -4.83 -2.29
CA MET B 107 28.99 -4.12 -1.49
C MET B 107 28.42 -5.02 -0.40
N PRO B 108 28.97 -4.92 0.81
CA PRO B 108 28.57 -5.68 2.00
C PRO B 108 27.08 -5.64 2.29
N ALA B 109 26.47 -6.81 2.42
CA ALA B 109 25.04 -6.90 2.71
C ALA B 109 24.72 -5.96 3.86
N LEU B 110 25.57 -5.97 4.89
CA LEU B 110 25.39 -5.10 6.04
C LEU B 110 26.37 -3.95 5.86
N PRO B 111 25.87 -2.70 5.85
CA PRO B 111 24.45 -2.36 5.99
C PRO B 111 23.83 -1.92 4.66
N PHE B 112 24.56 -2.08 3.58
CA PHE B 112 24.04 -1.62 2.29
C PHE B 112 22.76 -2.27 1.79
N MET B 113 22.27 -3.28 2.50
CA MET B 113 21.01 -3.90 2.11
C MET B 113 19.93 -3.08 2.79
N LEU B 114 20.36 -2.14 3.63
CA LEU B 114 19.47 -1.24 4.34
C LEU B 114 19.45 0.12 3.67
N ALA B 115 20.51 0.41 2.91
CA ALA B 115 20.63 1.67 2.19
C ALA B 115 19.55 1.81 1.12
N GLU B 116 18.80 2.91 1.17
CA GLU B 116 17.75 3.16 0.19
C GLU B 116 18.37 3.89 -0.98
N PHE B 117 19.57 4.41 -0.75
CA PHE B 117 20.30 5.13 -1.78
C PHE B 117 21.26 4.14 -2.45
N ASP B 118 21.68 4.46 -3.66
CA ASP B 118 22.59 3.61 -4.41
C ASP B 118 24.04 3.92 -4.07
N GLY B 119 24.40 5.20 -4.10
CA GLY B 119 25.77 5.58 -3.83
C GLY B 119 25.97 6.87 -3.04
N VAL B 120 27.21 7.33 -3.00
CA VAL B 120 27.57 8.54 -2.26
C VAL B 120 28.36 9.55 -3.08
N VAL B 121 28.09 10.83 -2.82
CA VAL B 121 28.78 11.92 -3.48
C VAL B 121 29.47 12.73 -2.38
N GLY B 122 30.75 12.44 -2.17
CA GLY B 122 31.51 13.12 -1.12
C GLY B 122 31.69 14.61 -1.30
N MET B 123 31.26 15.37 -0.30
CA MET B 123 31.38 16.83 -0.33
C MET B 123 32.56 17.29 0.54
N GLY B 124 33.38 16.33 0.99
CA GLY B 124 34.54 16.63 1.81
C GLY B 124 35.69 17.19 0.99
N PHE B 125 36.80 17.53 1.64
CA PHE B 125 37.96 18.10 0.97
C PHE B 125 38.84 17.05 0.31
N ILE B 126 39.69 17.49 -0.61
CA ILE B 126 40.60 16.58 -1.31
C ILE B 126 41.58 15.95 -0.34
N GLU B 127 41.92 16.66 0.73
CA GLU B 127 42.85 16.14 1.73
C GLU B 127 42.35 14.81 2.30
N GLN B 128 41.03 14.64 2.36
CA GLN B 128 40.42 13.42 2.89
C GLN B 128 40.06 12.46 1.76
N ALA B 129 40.21 12.89 0.51
CA ALA B 129 39.87 12.04 -0.62
C ALA B 129 40.80 10.85 -0.75
N ILE B 130 40.22 9.68 -1.00
CA ILE B 130 40.98 8.45 -1.16
C ILE B 130 41.39 8.31 -2.62
N GLY B 131 42.67 8.01 -2.83
CA GLY B 131 43.20 7.86 -4.18
C GLY B 131 43.51 9.22 -4.78
N ARG B 132 43.59 10.23 -3.91
CA ARG B 132 43.88 11.61 -4.28
C ARG B 132 43.01 12.12 -5.44
N VAL B 133 41.81 11.56 -5.56
CA VAL B 133 40.88 11.94 -6.62
C VAL B 133 40.19 13.26 -6.30
N THR B 134 40.27 14.20 -7.23
CA THR B 134 39.66 15.51 -7.05
C THR B 134 38.15 15.45 -6.75
N PRO B 135 37.74 15.88 -5.55
CA PRO B 135 36.35 15.89 -5.12
C PRO B 135 35.46 16.57 -6.15
N ILE B 136 34.23 16.09 -6.27
CA ILE B 136 33.30 16.65 -7.24
C ILE B 136 33.02 18.16 -7.10
N PHE B 137 32.98 18.66 -5.87
CA PHE B 137 32.71 20.09 -5.70
C PHE B 137 33.86 20.94 -6.22
N ASP B 138 35.09 20.49 -5.95
CA ASP B 138 36.26 21.22 -6.44
C ASP B 138 36.17 21.33 -7.97
N ASN B 139 35.91 20.20 -8.62
CA ASN B 139 35.79 20.17 -10.07
C ASN B 139 34.78 21.19 -10.56
N ILE B 140 33.61 21.21 -9.91
CA ILE B 140 32.55 22.13 -10.29
C ILE B 140 33.00 23.58 -10.10
N ILE B 141 33.73 23.84 -9.03
CA ILE B 141 34.23 25.18 -8.78
C ILE B 141 35.12 25.59 -9.93
N SER B 142 35.91 24.64 -10.42
CA SER B 142 36.80 24.90 -11.53
C SER B 142 36.08 25.53 -12.71
N GLN B 143 34.88 25.05 -13.02
CA GLN B 143 34.17 25.61 -14.17
C GLN B 143 33.67 27.04 -13.93
N GLY B 144 33.95 27.56 -12.74
CA GLY B 144 33.55 28.91 -12.38
C GLY B 144 32.20 29.38 -12.89
N VAL B 145 31.13 28.82 -12.36
CA VAL B 145 29.78 29.21 -12.76
C VAL B 145 28.90 29.42 -11.54
N LEU B 146 29.36 28.95 -10.39
CA LEU B 146 28.62 29.10 -9.14
C LEU B 146 28.73 30.52 -8.62
N LYS B 147 27.63 31.07 -8.14
CA LYS B 147 27.64 32.43 -7.59
C LYS B 147 28.65 32.52 -6.46
N GLU B 148 28.66 31.53 -5.58
CA GLU B 148 29.60 31.51 -4.48
C GLU B 148 30.20 30.14 -4.24
N ASP B 149 31.42 30.14 -3.74
CA ASP B 149 32.13 28.90 -3.45
C ASP B 149 31.57 28.23 -2.20
N VAL B 150 30.26 28.00 -2.18
CA VAL B 150 29.61 27.34 -1.05
C VAL B 150 28.45 26.46 -1.51
N PHE B 151 27.97 25.61 -0.60
CA PHE B 151 26.81 24.75 -0.85
C PHE B 151 26.04 24.61 0.45
N SER B 152 24.72 24.39 0.34
CA SER B 152 23.90 24.30 1.53
C SER B 152 23.06 23.04 1.64
N PHE B 153 22.68 22.71 2.88
CA PHE B 153 21.87 21.54 3.18
C PHE B 153 20.61 21.89 3.96
N TYR B 154 19.53 21.22 3.61
CA TYR B 154 18.26 21.40 4.29
C TYR B 154 17.62 20.03 4.43
N TYR B 155 17.56 19.50 5.65
CA TYR B 155 16.93 18.20 5.89
C TYR B 155 15.61 18.44 6.61
N ASN B 156 14.52 17.97 6.01
CA ASN B 156 13.18 18.14 6.57
C ASN B 156 12.86 17.05 7.58
N ARG B 157 11.75 17.20 8.29
CA ARG B 157 11.31 16.23 9.28
C ARG B 157 10.25 15.36 8.63
N ASP B 158 10.32 14.05 8.90
CA ASP B 158 9.40 13.08 8.32
C ASP B 158 7.92 13.31 8.66
N SER B 159 7.06 12.99 7.69
CA SER B 159 5.61 13.13 7.85
C SER B 159 4.86 12.04 7.10
N GLU B 160 3.85 11.48 7.75
CA GLU B 160 3.01 10.44 7.17
C GLU B 160 1.86 11.06 6.39
N ASN B 161 1.31 12.14 6.91
CA ASN B 161 0.19 12.83 6.28
C ASN B 161 0.63 14.00 5.41
N SER B 162 1.67 13.77 4.60
CA SER B 162 2.20 14.80 3.71
C SER B 162 3.28 14.25 2.79
N GLN B 163 3.12 14.46 1.49
CA GLN B 163 4.11 14.02 0.50
C GLN B 163 5.03 15.22 0.31
N SER B 164 5.52 15.74 1.42
CA SER B 164 6.38 16.90 1.44
C SER B 164 7.83 16.68 1.01
N LEU B 165 8.48 17.81 0.71
CA LEU B 165 9.87 17.84 0.31
C LEU B 165 10.71 17.19 1.41
N GLY B 166 11.57 16.25 1.01
CA GLY B 166 12.40 15.57 2.01
C GLY B 166 13.63 16.36 2.44
N GLY B 167 14.16 17.17 1.54
CA GLY B 167 15.33 17.96 1.85
C GLY B 167 15.84 18.61 0.59
N GLN B 168 16.85 19.45 0.71
CA GLN B 168 17.40 20.13 -0.46
C GLN B 168 18.83 20.58 -0.23
N ILE B 169 19.66 20.38 -1.25
CA ILE B 169 21.04 20.81 -1.19
C ILE B 169 21.20 21.85 -2.29
N VAL B 170 21.88 22.94 -1.98
CA VAL B 170 22.07 23.97 -2.97
C VAL B 170 23.54 24.19 -3.23
N LEU B 171 23.95 24.00 -4.48
CA LEU B 171 25.33 24.22 -4.87
C LEU B 171 25.45 25.66 -5.33
N GLY B 172 26.38 26.41 -4.74
CA GLY B 172 26.57 27.79 -5.13
C GLY B 172 25.92 28.83 -4.23
N GLY B 173 25.09 28.38 -3.28
CA GLY B 173 24.46 29.35 -2.39
C GLY B 173 23.56 28.74 -1.33
N SER B 174 22.48 29.44 -1.00
CA SER B 174 21.51 28.98 -0.01
C SER B 174 20.10 29.34 -0.44
N ASP B 175 19.11 28.74 0.20
CA ASP B 175 17.72 29.01 -0.14
C ASP B 175 16.99 29.54 1.09
N PRO B 176 16.80 30.87 1.16
CA PRO B 176 16.14 31.58 2.26
C PRO B 176 14.76 31.00 2.56
N GLN B 177 14.26 30.17 1.66
CA GLN B 177 12.97 29.52 1.83
C GLN B 177 12.98 28.54 2.99
N HIS B 178 14.17 27.99 3.28
CA HIS B 178 14.25 27.01 4.34
C HIS B 178 15.02 27.37 5.60
N TYR B 179 15.08 28.66 5.89
CA TYR B 179 15.71 29.10 7.12
C TYR B 179 15.23 30.51 7.44
N GLU B 180 15.33 30.90 8.69
CA GLU B 180 14.91 32.23 9.13
C GLU B 180 16.15 32.97 9.61
N GLY B 181 16.04 34.30 9.68
CA GLY B 181 17.16 35.09 10.15
C GLY B 181 18.36 35.03 9.25
N ASN B 182 19.54 35.27 9.82
CA ASN B 182 20.78 35.23 9.05
C ASN B 182 21.71 34.19 9.64
N PHE B 183 22.68 33.77 8.83
CA PHE B 183 23.65 32.78 9.27
C PHE B 183 24.66 33.40 10.20
N HIS B 184 25.24 32.56 11.05
CA HIS B 184 26.32 32.94 11.94
C HIS B 184 27.30 31.82 11.59
N TYR B 185 28.57 32.13 11.47
CA TYR B 185 29.53 31.11 11.10
C TYR B 185 30.52 30.75 12.18
N ILE B 186 31.02 29.53 12.07
CA ILE B 186 32.03 29.02 12.98
C ILE B 186 33.17 28.60 12.06
N ASN B 187 34.36 29.13 12.28
CA ASN B 187 35.50 28.79 11.45
C ASN B 187 35.98 27.36 11.68
N LEU B 188 36.54 26.76 10.62
CA LEU B 188 37.06 25.40 10.69
C LEU B 188 38.40 25.40 11.44
N ILE B 189 38.68 24.33 12.16
CA ILE B 189 39.91 24.21 12.90
C ILE B 189 41.04 24.27 11.87
N LYS B 190 40.76 23.71 10.70
CA LYS B 190 41.74 23.70 9.63
C LYS B 190 41.10 23.22 8.33
N THR B 191 41.65 23.68 7.21
CA THR B 191 41.16 23.28 5.91
C THR B 191 41.30 21.77 5.81
N GLY B 192 40.48 21.13 5.00
CA GLY B 192 40.60 19.68 4.84
C GLY B 192 39.53 18.86 5.52
N VAL B 193 38.93 19.37 6.58
CA VAL B 193 37.89 18.62 7.29
C VAL B 193 36.80 19.58 7.72
N TRP B 194 35.54 19.18 7.54
CA TRP B 194 34.43 20.03 7.96
C TRP B 194 34.21 19.78 9.44
N GLN B 195 35.23 20.15 10.22
CA GLN B 195 35.21 19.96 11.66
C GLN B 195 35.49 21.30 12.36
N ILE B 196 34.77 21.57 13.42
CA ILE B 196 34.94 22.82 14.16
C ILE B 196 35.11 22.59 15.65
N GLN B 197 35.61 23.62 16.34
CA GLN B 197 35.81 23.58 17.79
C GLN B 197 34.46 23.76 18.45
N MET B 198 34.25 23.12 19.59
CA MET B 198 33.00 23.22 20.34
C MET B 198 33.37 23.51 21.80
N LYS B 199 32.68 24.45 22.43
CA LYS B 199 32.97 24.80 23.81
C LYS B 199 32.02 24.20 24.83
N GLY B 200 31.76 22.90 24.72
CA GLY B 200 30.88 22.26 25.68
C GLY B 200 29.46 21.99 25.22
N VAL B 201 28.81 21.05 25.91
CA VAL B 201 27.45 20.66 25.62
C VAL B 201 26.63 20.76 26.89
N SER B 202 25.53 21.51 26.82
CA SER B 202 24.66 21.70 27.98
C SER B 202 23.41 20.84 27.94
N VAL B 203 23.05 20.30 29.10
CA VAL B 203 21.86 19.50 29.23
C VAL B 203 20.94 20.32 30.12
N GLY B 204 19.99 21.00 29.51
CA GLY B 204 19.09 21.84 30.29
C GLY B 204 19.77 23.15 30.63
N SER B 205 20.48 23.18 31.75
CA SER B 205 21.17 24.40 32.19
C SER B 205 22.60 24.11 32.60
N SER B 206 22.84 22.87 33.02
CA SER B 206 24.17 22.44 33.46
C SER B 206 25.04 21.98 32.29
N THR B 207 26.09 22.75 32.00
CA THR B 207 27.03 22.40 30.92
C THR B 207 27.96 21.31 31.44
N LEU B 208 27.43 20.11 31.61
CA LEU B 208 28.21 19.00 32.15
C LEU B 208 29.06 18.23 31.16
N LEU B 209 29.17 18.69 29.92
CA LEU B 209 29.97 17.94 28.95
C LEU B 209 30.89 18.79 28.09
N CYS B 210 32.00 18.20 27.67
CA CYS B 210 32.95 18.88 26.81
C CYS B 210 33.33 20.22 27.46
N GLU B 211 33.42 20.19 28.78
CA GLU B 211 33.75 21.37 29.59
C GLU B 211 34.99 22.15 29.16
N ASP B 212 36.04 21.41 28.82
CA ASP B 212 37.30 22.03 28.42
C ASP B 212 37.54 22.02 26.91
N GLY B 213 36.44 21.96 26.15
CA GLY B 213 36.56 21.94 24.70
C GLY B 213 36.62 20.55 24.10
N CYS B 214 36.11 20.42 22.89
CA CYS B 214 36.09 19.15 22.17
C CYS B 214 35.83 19.49 20.71
N LEU B 215 35.91 18.50 19.84
CA LEU B 215 35.71 18.71 18.41
C LEU B 215 34.32 18.31 17.91
N ALA B 216 33.87 18.96 16.85
CA ALA B 216 32.57 18.67 16.28
C ALA B 216 32.63 18.60 14.76
N LEU B 217 32.36 17.42 14.23
CA LEU B 217 32.37 17.21 12.78
C LEU B 217 30.93 17.44 12.29
N VAL B 218 30.76 18.29 11.27
CA VAL B 218 29.43 18.54 10.71
C VAL B 218 29.29 17.55 9.55
N ASP B 219 28.59 16.46 9.80
CA ASP B 219 28.45 15.38 8.83
C ASP B 219 27.07 15.20 8.22
N THR B 220 26.91 15.65 6.98
CA THR B 220 25.62 15.53 6.27
C THR B 220 25.30 14.09 5.93
N GLY B 221 26.31 13.24 6.00
CA GLY B 221 26.10 11.84 5.67
C GLY B 221 25.85 10.93 6.85
N ALA B 222 25.67 11.50 8.05
CA ALA B 222 25.42 10.70 9.24
C ALA B 222 23.98 10.92 9.70
N SER B 223 23.34 9.84 10.16
CA SER B 223 21.96 9.90 10.61
C SER B 223 21.70 10.70 11.87
N TYR B 224 22.55 10.53 12.88
CA TYR B 224 22.33 11.22 14.14
C TYR B 224 23.46 12.11 14.63
N ILE B 225 23.28 12.65 15.83
CA ILE B 225 24.30 13.46 16.48
C ILE B 225 25.03 12.35 17.24
N SER B 226 26.34 12.29 17.12
CA SER B 226 27.04 11.24 17.85
C SER B 226 28.19 11.81 18.65
N GLY B 227 28.62 11.04 19.64
CA GLY B 227 29.71 11.44 20.50
C GLY B 227 30.38 10.19 21.01
N SER B 228 31.53 10.34 21.66
CA SER B 228 32.27 9.20 22.21
C SER B 228 31.37 8.41 23.14
N THR B 229 31.59 7.10 23.16
CA THR B 229 30.81 6.20 24.00
C THR B 229 30.72 6.74 25.43
N SER B 230 31.83 7.24 25.96
CA SER B 230 31.82 7.78 27.32
C SER B 230 30.99 9.04 27.40
N SER B 231 31.13 9.93 26.43
CA SER B 231 30.37 11.17 26.44
C SER B 231 28.87 10.88 26.42
N ILE B 232 28.46 10.00 25.51
CA ILE B 232 27.04 9.66 25.40
C ILE B 232 26.49 9.00 26.68
N GLU B 233 27.30 8.14 27.31
CA GLU B 233 26.87 7.48 28.54
C GLU B 233 26.48 8.50 29.60
N LYS B 234 27.31 9.52 29.79
CA LYS B 234 27.03 10.55 30.78
C LYS B 234 25.81 11.34 30.34
N LEU B 235 25.71 11.59 29.05
CA LEU B 235 24.59 12.35 28.49
C LEU B 235 23.28 11.60 28.68
N MET B 236 23.30 10.30 28.41
CA MET B 236 22.10 9.49 28.55
C MET B 236 21.72 9.41 30.02
N GLU B 237 22.71 9.28 30.88
CA GLU B 237 22.50 9.18 32.32
C GLU B 237 21.86 10.47 32.83
N ALA B 238 22.22 11.60 32.24
CA ALA B 238 21.66 12.87 32.64
C ALA B 238 20.25 13.03 32.06
N LEU B 239 19.99 12.32 30.97
CA LEU B 239 18.70 12.37 30.30
C LEU B 239 17.70 11.41 30.92
N GLY B 240 18.20 10.38 31.59
CA GLY B 240 17.31 9.41 32.19
C GLY B 240 17.04 8.24 31.27
N ALA B 241 17.59 8.33 30.06
CA ALA B 241 17.42 7.27 29.07
C ALA B 241 18.25 6.03 29.40
N LYS B 242 17.62 4.87 29.30
CA LYS B 242 18.30 3.61 29.56
C LYS B 242 18.52 2.87 28.26
N LYS B 243 19.55 2.03 28.21
CA LYS B 243 19.82 1.28 27.01
C LYS B 243 19.00 -0.01 26.99
N ARG B 244 18.14 -0.11 25.97
CA ARG B 244 17.29 -1.28 25.79
C ARG B 244 18.20 -2.46 25.48
N LEU B 245 18.32 -2.78 24.20
CA LEU B 245 19.18 -3.87 23.79
C LEU B 245 20.31 -3.26 22.99
N PHE B 246 19.95 -2.54 21.94
CA PHE B 246 20.96 -1.92 21.10
C PHE B 246 20.94 -0.40 21.18
N ASP B 247 19.81 0.16 21.61
CA ASP B 247 19.70 1.61 21.70
C ASP B 247 19.27 2.15 23.05
N TYR B 248 19.33 3.48 23.18
CA TYR B 248 18.91 4.16 24.39
C TYR B 248 17.46 4.58 24.20
N VAL B 249 16.64 4.37 25.23
CA VAL B 249 15.24 4.74 25.12
C VAL B 249 14.72 5.44 26.36
N VAL B 250 13.57 6.06 26.21
CA VAL B 250 12.93 6.80 27.29
C VAL B 250 11.44 6.48 27.17
N LYS B 251 10.68 6.63 28.25
CA LYS B 251 9.25 6.37 28.17
C LYS B 251 8.65 7.48 27.28
N CYS B 252 8.00 7.09 26.19
CA CYS B 252 7.42 8.05 25.26
C CYS B 252 6.65 9.20 25.88
N ASN B 253 5.82 8.91 26.86
CA ASN B 253 5.03 9.95 27.50
C ASN B 253 5.94 10.92 28.23
N GLU B 254 7.14 10.47 28.58
CA GLU B 254 8.06 11.32 29.32
C GLU B 254 9.02 12.12 28.44
N GLY B 255 9.17 11.71 27.20
CA GLY B 255 10.06 12.40 26.28
C GLY B 255 10.03 13.91 26.42
N PRO B 256 8.83 14.52 26.36
CA PRO B 256 8.69 15.96 26.48
C PRO B 256 9.34 16.58 27.72
N THR B 257 9.44 15.80 28.80
CA THR B 257 10.06 16.30 30.03
C THR B 257 11.59 16.35 29.94
N LEU B 258 12.16 15.76 28.90
CA LEU B 258 13.61 15.79 28.74
C LEU B 258 14.08 17.21 28.47
N PRO B 259 15.22 17.59 29.07
CA PRO B 259 15.86 18.89 28.95
C PRO B 259 16.38 19.21 27.57
N ASP B 260 16.58 20.49 27.30
CA ASP B 260 17.12 20.95 26.03
C ASP B 260 18.59 20.55 26.00
N ILE B 261 19.13 20.41 24.80
CA ILE B 261 20.53 20.08 24.68
C ILE B 261 21.15 21.16 23.80
N SER B 262 22.15 21.83 24.35
CA SER B 262 22.80 22.94 23.66
C SER B 262 24.28 22.70 23.33
N PHE B 263 24.63 22.97 22.09
CA PHE B 263 26.00 22.82 21.66
C PHE B 263 26.56 24.22 21.49
N HIS B 264 27.61 24.53 22.25
CA HIS B 264 28.23 25.85 22.17
C HIS B 264 29.24 25.86 21.04
N LEU B 265 28.88 26.55 19.97
CA LEU B 265 29.70 26.67 18.78
C LEU B 265 29.84 28.14 18.42
N GLY B 266 31.06 28.56 18.10
CA GLY B 266 31.29 29.95 17.74
C GLY B 266 30.68 30.94 18.71
N GLY B 267 30.88 30.70 20.00
CA GLY B 267 30.36 31.59 21.01
C GLY B 267 28.84 31.67 21.09
N LYS B 268 28.15 30.78 20.39
CA LYS B 268 26.69 30.79 20.40
C LYS B 268 26.15 29.45 20.91
N GLU B 269 24.85 29.40 21.23
CA GLU B 269 24.23 28.18 21.71
C GLU B 269 23.20 27.63 20.73
N TYR B 270 23.51 26.47 20.15
CA TYR B 270 22.57 25.84 19.22
C TYR B 270 21.84 24.81 20.03
N THR B 271 20.56 25.07 20.26
CA THR B 271 19.76 24.19 21.10
C THR B 271 18.71 23.33 20.42
N LEU B 272 18.63 22.07 20.84
CA LEU B 272 17.64 21.15 20.33
C LEU B 272 16.74 20.81 21.52
N THR B 273 15.42 20.86 21.31
CA THR B 273 14.47 20.52 22.36
C THR B 273 14.22 19.03 22.27
N SER B 274 13.62 18.44 23.30
CA SER B 274 13.36 17.01 23.30
C SER B 274 12.65 16.57 22.03
N ALA B 275 11.78 17.43 21.52
CA ALA B 275 11.06 17.13 20.29
C ALA B 275 12.04 16.99 19.12
N ASP B 276 13.15 17.69 19.19
CA ASP B 276 14.15 17.66 18.13
C ASP B 276 15.05 16.43 18.17
N TYR B 277 15.24 15.83 19.34
CA TYR B 277 16.12 14.68 19.42
C TYR B 277 15.49 13.36 19.89
N VAL B 278 14.21 13.38 20.21
CA VAL B 278 13.52 12.17 20.62
C VAL B 278 12.58 11.74 19.49
N PHE B 279 12.64 10.47 19.12
CA PHE B 279 11.75 9.97 18.07
C PHE B 279 10.42 9.64 18.72
N GLN B 280 9.53 10.62 18.76
CA GLN B 280 8.22 10.43 19.39
C GLN B 280 7.28 9.64 18.48
N GLU B 281 7.62 8.38 18.22
CA GLU B 281 6.80 7.49 17.39
C GLU B 281 5.41 7.42 18.02
N SER B 282 5.30 7.94 19.23
CA SER B 282 4.05 7.96 20.00
C SER B 282 4.28 8.79 21.26
N TYR B 283 3.26 8.89 22.10
CA TYR B 283 3.37 9.65 23.35
C TYR B 283 2.77 8.88 24.51
N SER B 284 2.54 7.59 24.32
CA SER B 284 1.96 6.77 25.36
C SER B 284 2.92 6.38 26.47
N SER B 285 2.36 6.10 27.65
CA SER B 285 3.15 5.70 28.81
C SER B 285 3.25 4.17 28.84
N LYS B 286 2.79 3.53 27.78
CA LYS B 286 2.82 2.07 27.69
C LYS B 286 3.92 1.60 26.74
N LYS B 287 4.63 2.53 26.10
CA LYS B 287 5.69 2.17 25.16
C LYS B 287 6.97 3.00 25.33
N LEU B 288 8.05 2.50 24.73
CA LEU B 288 9.35 3.17 24.80
C LEU B 288 9.65 3.89 23.50
N CYS B 289 10.40 4.99 23.60
CA CYS B 289 10.76 5.78 22.43
C CYS B 289 12.27 5.94 22.32
N THR B 290 12.73 5.98 21.06
CA THR B 290 14.14 6.11 20.74
C THR B 290 14.67 7.54 20.60
N LEU B 291 15.96 7.73 20.90
CA LEU B 291 16.61 9.02 20.80
C LEU B 291 17.40 9.05 19.51
N ALA B 292 17.55 10.24 18.92
CA ALA B 292 18.30 10.38 17.68
C ALA B 292 19.73 10.80 17.97
N ILE B 293 20.28 10.25 19.05
CA ILE B 293 21.66 10.51 19.46
C ILE B 293 22.25 9.15 19.80
N HIS B 294 23.36 8.79 19.17
CA HIS B 294 23.99 7.50 19.40
C HIS B 294 25.47 7.65 19.73
N ALA B 295 26.05 6.65 20.38
CA ALA B 295 27.46 6.68 20.71
C ALA B 295 28.20 6.32 19.43
N MET B 296 29.39 6.90 19.24
CA MET B 296 30.18 6.61 18.05
C MET B 296 31.64 7.00 18.26
N ASP B 297 32.49 6.00 18.39
CA ASP B 297 33.91 6.25 18.59
C ASP B 297 34.58 6.41 17.24
N ILE B 298 34.92 7.66 16.92
CA ILE B 298 35.58 7.94 15.65
C ILE B 298 37.09 7.94 15.88
N PRO B 299 37.81 7.07 15.16
CA PRO B 299 39.27 6.95 15.26
C PRO B 299 40.04 8.10 14.65
N PRO B 300 41.28 8.33 15.11
CA PRO B 300 42.10 9.41 14.57
C PRO B 300 42.37 9.16 13.08
N PRO B 301 42.83 10.17 12.35
CA PRO B 301 43.11 11.51 12.87
C PRO B 301 41.83 12.32 13.14
N THR B 302 40.84 12.13 12.28
CA THR B 302 39.58 12.85 12.42
C THR B 302 39.02 12.80 13.83
N GLY B 303 38.98 11.61 14.42
CA GLY B 303 38.45 11.47 15.77
C GLY B 303 39.51 11.44 16.85
N PRO B 304 39.11 11.30 18.11
CA PRO B 304 37.70 11.19 18.50
C PRO B 304 37.03 12.55 18.61
N THR B 305 35.81 12.66 18.08
CA THR B 305 35.06 13.91 18.14
C THR B 305 33.58 13.62 18.02
N TRP B 306 32.78 14.65 18.24
CA TRP B 306 31.35 14.53 18.13
C TRP B 306 31.03 14.64 16.64
N ALA B 307 29.83 14.23 16.27
CA ALA B 307 29.40 14.32 14.89
C ALA B 307 28.00 14.92 14.88
N LEU B 308 27.82 15.95 14.06
CA LEU B 308 26.54 16.61 13.93
C LEU B 308 25.96 16.20 12.58
N GLY B 309 25.11 15.18 12.61
CA GLY B 309 24.50 14.70 11.39
C GLY B 309 23.05 15.13 11.27
N ALA B 310 22.28 14.39 10.47
CA ALA B 310 20.88 14.68 10.24
C ALA B 310 20.17 15.36 11.41
N THR B 311 20.16 14.72 12.57
CA THR B 311 19.49 15.26 13.76
C THR B 311 19.74 16.75 13.98
N PHE B 312 20.99 17.16 13.86
CA PHE B 312 21.36 18.55 14.07
C PHE B 312 20.91 19.45 12.91
N ILE B 313 21.24 19.05 11.70
CA ILE B 313 20.90 19.80 10.49
C ILE B 313 19.38 19.97 10.31
N ARG B 314 18.62 19.01 10.79
CA ARG B 314 17.19 19.07 10.67
C ARG B 314 16.69 20.32 11.41
N LYS B 315 17.41 20.68 12.47
CA LYS B 315 17.11 21.84 13.29
C LYS B 315 17.75 23.09 12.72
N PHE B 316 18.99 22.96 12.25
CA PHE B 316 19.70 24.10 11.69
C PHE B 316 20.13 23.97 10.23
N TYR B 317 19.54 24.79 9.37
CA TYR B 317 19.90 24.79 7.95
C TYR B 317 21.40 25.09 7.96
N THR B 318 22.18 24.36 7.16
CA THR B 318 23.63 24.53 7.14
C THR B 318 24.26 24.94 5.81
N GLU B 319 25.25 25.82 5.87
CA GLU B 319 25.95 26.28 4.68
C GLU B 319 27.46 26.03 4.84
N PHE B 320 28.04 25.30 3.89
CA PHE B 320 29.47 25.01 3.92
C PHE B 320 30.22 25.97 2.99
N ASP B 321 30.97 26.86 3.61
CA ASP B 321 31.70 27.90 2.91
C ASP B 321 33.14 27.51 2.63
N ARG B 322 33.41 27.10 1.38
CA ARG B 322 34.75 26.68 0.97
C ARG B 322 35.73 27.86 0.92
N ARG B 323 35.25 28.98 0.42
CA ARG B 323 36.05 30.19 0.29
C ARG B 323 36.67 30.60 1.62
N ASN B 324 35.84 30.67 2.64
CA ASN B 324 36.29 31.10 3.96
C ASN B 324 36.63 30.00 4.97
N ASN B 325 36.55 28.73 4.57
CA ASN B 325 36.83 27.64 5.48
C ASN B 325 36.02 27.81 6.76
N ARG B 326 34.71 27.88 6.62
CA ARG B 326 33.85 28.07 7.78
C ARG B 326 32.51 27.40 7.51
N ILE B 327 31.70 27.27 8.55
CA ILE B 327 30.38 26.67 8.41
C ILE B 327 29.31 27.62 8.95
N GLY B 328 28.22 27.77 8.22
CA GLY B 328 27.16 28.65 8.67
C GLY B 328 25.88 27.95 9.07
N PHE B 329 25.29 28.41 10.15
CA PHE B 329 24.05 27.86 10.68
C PHE B 329 22.97 28.93 10.81
N ALA B 330 21.73 28.50 10.72
CA ALA B 330 20.58 29.39 10.84
C ALA B 330 19.38 28.49 11.06
N LEU B 331 18.41 28.98 11.84
CA LEU B 331 17.22 28.19 12.12
C LEU B 331 16.51 27.72 10.85
N ALA B 332 16.30 26.42 10.73
CA ALA B 332 15.62 25.85 9.55
C ALA B 332 14.10 26.00 9.65
N ARG B 333 13.43 26.14 8.50
CA ARG B 333 11.98 26.28 8.49
C ARG B 333 11.36 25.60 7.29
C1 NAG C . -40.39 -6.32 -27.32
C2 NAG C . -41.40 -6.10 -28.45
C3 NAG C . -42.77 -6.74 -28.17
C4 NAG C . -42.61 -8.17 -27.69
C5 NAG C . -41.67 -8.18 -26.49
C6 NAG C . -41.48 -9.57 -25.89
C7 NAG C . -41.12 -4.13 -29.81
C8 NAG C . -41.78 -2.83 -30.26
N2 NAG C . -41.58 -4.67 -28.68
O3 NAG C . -43.54 -6.72 -29.37
O4 NAG C . -43.87 -8.72 -27.33
O5 NAG C . -40.38 -7.69 -26.90
O6 NAG C . -40.87 -10.45 -26.82
O7 NAG C . -40.22 -4.64 -30.48
C1 4IG D . -28.39 -7.51 -5.10
N1 4IG D . -29.16 -8.61 -4.95
C2 4IG D . -29.26 -9.41 -6.02
N2 4IG D . -28.68 -9.18 -7.20
C3 4IG D . -27.90 -8.09 -7.37
C4 4IG D . -27.67 -7.19 -6.28
N3 4IG D . -28.31 -6.72 -4.01
N4 4IG D . -29.99 -10.53 -5.91
C5 4IG D . -27.28 -7.90 -8.75
C6 4IG D . -26.07 -8.80 -9.00
C7 4IG D . -26.92 -4.79 -6.77
C8 4IG D . -25.87 -3.82 -6.76
C9 4IG D . -24.59 -4.16 -6.29
C10 4IG D . -24.32 -5.51 -5.83
C11 4IG D . -25.38 -6.43 -5.86
C12 4IG D . -26.67 -6.11 -6.32
O3 4IG D . -23.55 -3.17 -6.29
C14 4IG D . -22.66 -3.51 -5.20
C15 4IG D . -21.99 -4.89 -5.30
N5 4IG D . -23.01 -5.85 -5.36
C16 4IG D . -22.65 -7.22 -4.86
C17 4IG D . -22.18 -8.17 -5.95
C18 4IG D . -22.40 -9.64 -5.53
O1 4IG D . -21.61 -10.45 -6.37
C19 4IG D . -21.69 -11.84 -6.13
O4 4IG D . -20.80 -5.07 -5.27
C20 4IG D . -21.27 -1.36 -2.33
C21 4IG D . -21.29 -2.00 -3.59
C22 4IG D . -22.50 -2.60 -4.02
C23 4IG D . -23.65 -2.52 -3.20
C24 4IG D . -23.60 -1.87 -1.97
C25 4IG D . -22.42 -1.27 -1.50
F2 4IG D . -20.14 -0.80 -1.91
F1 4IG D . -24.73 -1.85 -1.25
C1 NAG E . 43.40 6.77 -13.10
C2 NAG E . 44.68 6.55 -13.93
C3 NAG E . 45.93 6.97 -13.14
C4 NAG E . 45.76 8.40 -12.63
C5 NAG E . 44.49 8.46 -11.79
C6 NAG E . 44.24 9.84 -11.22
C7 NAG E . 44.54 4.74 -15.53
C8 NAG E . 43.94 3.35 -15.70
N2 NAG E . 44.81 5.14 -14.29
O3 NAG E . 47.08 6.90 -13.99
O4 NAG E . 46.89 8.76 -11.85
O5 NAG E . 43.35 8.12 -12.61
O6 NAG E . 44.11 10.81 -12.26
O7 NAG E . 44.73 5.45 -16.52
C1 4IG F . 28.58 7.36 7.14
N1 4IG F . 29.25 8.51 7.39
C2 4IG F . 29.46 9.32 6.35
N2 4IG F . 29.09 9.04 5.09
C3 4IG F . 28.42 7.89 4.81
C4 4IG F . 28.08 7.00 5.85
N3 4IG F . 28.38 6.56 8.21
N4 4IG F . 30.06 10.48 6.56
C5 4IG F . 28.06 7.66 3.35
C6 4IG F . 26.80 8.42 2.94
C7 4IG F . 27.47 4.55 5.32
C8 4IG F . 26.45 3.55 5.23
C9 4IG F . 25.10 3.87 5.53
C10 4IG F . 24.74 5.22 5.92
C11 4IG F . 25.78 6.16 5.99
C12 4IG F . 27.12 5.88 5.70
O3 4IG F . 24.10 2.86 5.44
C14 4IG F . 23.08 3.17 6.41
C15 4IG F . 22.39 4.52 6.20
N5 4IG F . 23.37 5.51 6.23
C16 4IG F . 22.91 6.88 6.66
C17 4IG F . 22.60 7.80 5.48
C18 4IG F . 22.74 9.27 5.89
O1 4IG F . 21.86 10.04 5.10
C19 4IG F . 21.88 11.42 5.35
O4 4IG F . 21.18 4.65 6.10
C20 4IG F . 21.41 1.06 9.15
C21 4IG F . 21.52 1.81 7.95
C22 4IG F . 22.81 2.27 7.57
C23 4IG F . 23.94 1.96 8.38
C24 4IG F . 23.79 1.22 9.55
C25 4IG F . 22.53 0.75 9.98
F2 4IG F . 20.20 0.62 9.53
F1 4IG F . 24.89 0.97 10.26
#